data_4U9P
#
_entry.id   4U9P
#
_cell.length_a   64.760
_cell.length_b   152.600
_cell.length_c   153.110
_cell.angle_alpha   90.000
_cell.angle_beta   90.000
_cell.angle_gamma   90.000
#
_symmetry.space_group_name_H-M   'C 2 2 21'
#
loop_
_entity.id
_entity.type
_entity.pdbx_description
1 polymer 'UPF0264 protein MJ1099'
2 non-polymer GLYCEROL
3 water water
#
_entity_poly.entity_id   1
_entity_poly.type   'polypeptide(L)'
_entity_poly.pdbx_seq_one_letter_code
;MHHHHHHMILLVSPIDVEEAKEAIAGGADIIDVKNPKEGSLGANFPWMIKAIREVTPKDLLVSATVGDVPYKPGTISLAA
VGAAISGADYIKVGLYGVKNYYQAVELMKNVVRAVKDIDENKIVVAAGYADAYRVGAVEPLIVPKIARDAGCDVAMLDTA
IKDGKTLFDFQSKEILAEFVDEAHSYGLKCALAGSIKKEHIPILKEIGTDIVGVRGAACKGGDRNNGRIDRELVKELKEL
CK
;
_entity_poly.pdbx_strand_id   A,B,C
#
loop_
_chem_comp.id
_chem_comp.type
_chem_comp.name
_chem_comp.formula
GOL non-polymer GLYCEROL 'C3 H8 O3'
#
# COMPACT_ATOMS: atom_id res chain seq x y z
N HIS A 7 12.31 -42.11 -1.57
CA HIS A 7 10.95 -41.67 -1.82
C HIS A 7 10.83 -40.15 -1.70
N MET A 8 10.18 -39.52 -2.70
CA MET A 8 9.95 -38.08 -2.73
C MET A 8 8.50 -37.79 -2.40
N ILE A 9 8.26 -36.80 -1.54
CA ILE A 9 6.93 -36.34 -1.13
C ILE A 9 6.50 -35.30 -2.20
N LEU A 10 5.21 -35.34 -2.63
CA LEU A 10 4.69 -34.41 -3.63
C LEU A 10 3.89 -33.29 -2.96
N LEU A 11 4.36 -32.04 -3.12
CA LEU A 11 3.72 -30.84 -2.62
C LEU A 11 3.06 -30.14 -3.82
N VAL A 12 1.76 -29.80 -3.69
CA VAL A 12 1.02 -29.10 -4.74
C VAL A 12 0.45 -27.82 -4.17
N SER A 13 0.51 -26.72 -4.95
CA SER A 13 0.03 -25.41 -4.48
C SER A 13 -1.26 -24.99 -5.20
N PRO A 14 -2.45 -25.38 -4.69
CA PRO A 14 -3.70 -25.02 -5.39
C PRO A 14 -4.08 -23.54 -5.26
N ILE A 15 -4.74 -22.97 -6.29
CA ILE A 15 -5.15 -21.56 -6.26
C ILE A 15 -6.44 -21.33 -5.46
N ASP A 16 -7.26 -22.39 -5.28
CA ASP A 16 -8.53 -22.32 -4.55
C ASP A 16 -8.89 -23.66 -3.88
N VAL A 17 -10.03 -23.70 -3.13
CA VAL A 17 -10.52 -24.89 -2.43
C VAL A 17 -10.79 -26.02 -3.43
N GLU A 18 -11.34 -25.67 -4.62
CA GLU A 18 -11.66 -26.67 -5.66
C GLU A 18 -10.40 -27.33 -6.17
N GLU A 19 -9.33 -26.53 -6.44
CA GLU A 19 -8.05 -27.07 -6.88
C GLU A 19 -7.42 -27.93 -5.77
N ALA A 20 -7.63 -27.56 -4.48
CA ALA A 20 -7.11 -28.35 -3.36
C ALA A 20 -7.69 -29.75 -3.38
N LYS A 21 -9.03 -29.85 -3.57
CA LYS A 21 -9.74 -31.13 -3.67
C LYS A 21 -9.17 -31.97 -4.79
N GLU A 22 -8.85 -31.32 -5.93
CA GLU A 22 -8.25 -31.98 -7.11
C GLU A 22 -6.88 -32.55 -6.77
N ALA A 23 -6.04 -31.77 -6.07
CA ALA A 23 -4.69 -32.14 -5.65
C ALA A 23 -4.75 -33.31 -4.67
N ILE A 24 -5.70 -33.24 -3.71
CA ILE A 24 -5.94 -34.30 -2.71
C ILE A 24 -6.33 -35.59 -3.44
N ALA A 25 -7.34 -35.50 -4.32
CA ALA A 25 -7.85 -36.67 -5.08
C ALA A 25 -6.79 -37.36 -5.94
N GLY A 26 -5.86 -36.57 -6.47
CA GLY A 26 -4.76 -37.01 -7.31
C GLY A 26 -3.59 -37.64 -6.55
N GLY A 27 -3.58 -37.51 -5.24
CA GLY A 27 -2.54 -38.11 -4.41
C GLY A 27 -1.46 -37.19 -3.88
N ALA A 28 -1.66 -35.84 -3.90
CA ALA A 28 -0.70 -34.91 -3.31
C ALA A 28 -0.54 -35.21 -1.80
N ASP A 29 0.70 -35.09 -1.29
CA ASP A 29 1.04 -35.38 0.12
C ASP A 29 0.93 -34.12 0.99
N ILE A 30 1.33 -32.95 0.41
CA ILE A 30 1.22 -31.67 1.09
C ILE A 30 0.41 -30.73 0.21
N ILE A 31 -0.55 -30.03 0.82
CA ILE A 31 -1.40 -29.04 0.14
C ILE A 31 -0.87 -27.70 0.56
N ASP A 32 -0.21 -26.99 -0.36
CA ASP A 32 0.46 -25.73 -0.05
C ASP A 32 -0.40 -24.52 -0.37
N VAL A 33 -0.53 -23.62 0.59
CA VAL A 33 -1.38 -22.43 0.43
C VAL A 33 -0.50 -21.20 0.24
N LYS A 34 -0.47 -20.67 -1.00
CA LYS A 34 0.28 -19.45 -1.30
C LYS A 34 -0.60 -18.51 -2.13
N ASN A 35 -0.09 -17.31 -2.40
CA ASN A 35 -0.83 -16.28 -3.11
C ASN A 35 0.11 -15.63 -4.17
N PRO A 36 0.16 -16.20 -5.40
CA PRO A 36 1.09 -15.68 -6.44
C PRO A 36 1.02 -14.19 -6.73
N LYS A 37 -0.16 -13.55 -6.49
CA LYS A 37 -0.39 -12.11 -6.69
C LYS A 37 0.57 -11.26 -5.82
N GLU A 38 1.00 -11.81 -4.65
CA GLU A 38 1.90 -11.14 -3.72
C GLU A 38 3.36 -11.54 -3.83
N GLY A 39 3.67 -12.38 -4.83
CA GLY A 39 5.04 -12.81 -5.10
C GLY A 39 5.15 -14.31 -5.19
N SER A 40 6.37 -14.80 -5.45
CA SER A 40 6.67 -16.23 -5.61
C SER A 40 6.09 -17.05 -4.45
N LEU A 41 6.40 -16.61 -3.22
CA LEU A 41 5.91 -17.24 -1.99
C LEU A 41 4.98 -16.28 -1.24
N GLY A 42 4.19 -15.52 -2.01
CA GLY A 42 3.21 -14.58 -1.48
C GLY A 42 2.27 -15.24 -0.50
N ALA A 43 1.92 -14.53 0.60
CA ALA A 43 1.02 -15.13 1.59
C ALA A 43 -0.45 -15.00 1.22
N ASN A 44 -1.20 -16.09 1.42
CA ASN A 44 -2.65 -16.07 1.28
C ASN A 44 -3.22 -15.59 2.61
N PHE A 45 -4.55 -15.56 2.72
CA PHE A 45 -5.23 -15.06 3.90
C PHE A 45 -5.54 -16.12 4.95
N PRO A 46 -5.69 -15.73 6.23
CA PRO A 46 -6.01 -16.74 7.28
C PRO A 46 -7.23 -17.58 6.99
N TRP A 47 -8.29 -16.97 6.44
CA TRP A 47 -9.53 -17.67 6.09
C TRP A 47 -9.33 -18.72 5.00
N MET A 48 -8.36 -18.49 4.08
CA MET A 48 -8.07 -19.46 3.02
C MET A 48 -7.30 -20.63 3.58
N ILE A 49 -6.27 -20.37 4.43
CA ILE A 49 -5.52 -21.47 5.06
C ILE A 49 -6.47 -22.36 5.88
N LYS A 50 -7.38 -21.74 6.65
CA LYS A 50 -8.36 -22.44 7.47
C LYS A 50 -9.29 -23.30 6.60
N ALA A 51 -9.82 -22.72 5.49
CA ALA A 51 -10.71 -23.45 4.56
C ALA A 51 -9.99 -24.65 3.96
N ILE A 52 -8.70 -24.47 3.56
CA ILE A 52 -7.89 -25.54 2.98
C ILE A 52 -7.61 -26.62 4.01
N ARG A 53 -7.30 -26.25 5.24
CA ARG A 53 -7.08 -27.30 6.25
C ARG A 53 -8.40 -28.07 6.54
N GLU A 54 -9.53 -27.38 6.46
CA GLU A 54 -10.82 -28.02 6.73
C GLU A 54 -11.13 -29.09 5.67
N VAL A 55 -10.82 -28.80 4.39
CA VAL A 55 -11.09 -29.69 3.27
C VAL A 55 -10.02 -30.81 3.14
N THR A 56 -8.82 -30.57 3.66
CA THR A 56 -7.73 -31.53 3.59
C THR A 56 -7.85 -32.67 4.60
N PRO A 57 -7.82 -33.94 4.15
CA PRO A 57 -7.88 -35.07 5.10
C PRO A 57 -6.83 -34.94 6.20
N LYS A 58 -7.20 -35.33 7.42
CA LYS A 58 -6.32 -35.20 8.60
C LYS A 58 -4.96 -35.88 8.46
N ASP A 59 -4.84 -36.93 7.61
CA ASP A 59 -3.59 -37.67 7.37
C ASP A 59 -2.63 -36.97 6.42
N LEU A 60 -3.04 -35.81 5.84
CA LEU A 60 -2.20 -35.02 4.94
C LEU A 60 -1.85 -33.73 5.61
N LEU A 61 -0.70 -33.16 5.25
CA LEU A 61 -0.27 -31.92 5.85
C LEU A 61 -0.60 -30.72 4.99
N VAL A 62 -0.84 -29.57 5.65
CA VAL A 62 -1.12 -28.30 4.98
C VAL A 62 0.14 -27.42 5.19
N SER A 63 0.61 -26.79 4.12
CA SER A 63 1.73 -25.85 4.14
C SER A 63 1.17 -24.47 3.82
N ALA A 64 1.76 -23.40 4.39
CA ALA A 64 1.35 -22.04 4.04
C ALA A 64 2.56 -21.15 4.05
N THR A 65 2.63 -20.24 3.07
CA THR A 65 3.74 -19.28 2.99
C THR A 65 3.35 -18.03 3.77
N VAL A 66 4.36 -17.33 4.28
CA VAL A 66 4.16 -16.05 4.96
C VAL A 66 4.58 -14.86 4.10
N GLY A 67 5.10 -15.15 2.91
CA GLY A 67 5.48 -14.14 1.93
C GLY A 67 6.90 -14.22 1.42
N ASP A 68 7.20 -13.36 0.43
CA ASP A 68 8.56 -13.06 -0.08
C ASP A 68 8.91 -11.95 0.91
N VAL A 69 9.41 -12.32 2.06
CA VAL A 69 9.50 -11.44 3.18
C VAL A 69 10.58 -10.38 3.15
N PRO A 70 10.25 -9.15 3.67
CA PRO A 70 11.29 -8.17 3.89
C PRO A 70 11.99 -8.57 5.22
N TYR A 71 13.10 -7.90 5.52
CA TYR A 71 13.83 -8.16 6.76
C TYR A 71 13.14 -7.47 7.94
N LYS A 72 12.03 -8.05 8.38
CA LYS A 72 11.21 -7.54 9.48
C LYS A 72 10.87 -8.70 10.42
N PRO A 73 11.83 -9.11 11.26
CA PRO A 73 11.59 -10.28 12.12
C PRO A 73 10.28 -10.28 12.91
N GLY A 74 9.92 -9.17 13.56
CA GLY A 74 8.66 -9.08 14.33
C GLY A 74 7.44 -9.31 13.45
N THR A 75 7.38 -8.59 12.30
CA THR A 75 6.22 -8.79 11.40
C THR A 75 6.08 -10.23 10.96
N ILE A 76 7.18 -10.83 10.54
CA ILE A 76 7.19 -12.19 10.01
C ILE A 76 6.92 -13.23 11.08
N SER A 77 7.40 -12.98 12.32
CA SER A 77 7.12 -13.89 13.45
C SER A 77 5.63 -13.88 13.75
N LEU A 78 5.00 -12.68 13.70
CA LEU A 78 3.53 -12.57 13.90
C LEU A 78 2.79 -13.26 12.76
N ALA A 79 3.28 -13.11 11.52
CA ALA A 79 2.65 -13.74 10.35
C ALA A 79 2.72 -15.26 10.45
N ALA A 80 3.85 -15.79 10.92
CA ALA A 80 4.06 -17.25 11.18
C ALA A 80 3.07 -17.75 12.21
N VAL A 81 2.81 -16.95 13.28
CA VAL A 81 1.75 -17.25 14.26
C VAL A 81 0.39 -17.31 13.56
N GLY A 82 0.08 -16.28 12.75
CA GLY A 82 -1.17 -16.27 12.01
C GLY A 82 -1.38 -17.49 11.14
N ALA A 83 -0.34 -17.95 10.45
CA ALA A 83 -0.41 -19.11 9.55
C ALA A 83 -0.60 -20.38 10.38
N ALA A 84 0.19 -20.53 11.46
CA ALA A 84 0.11 -21.70 12.36
C ALA A 84 -1.29 -21.83 13.00
N ILE A 85 -1.83 -20.72 13.54
CA ILE A 85 -3.15 -20.65 14.20
C ILE A 85 -4.26 -21.00 13.20
N SER A 86 -4.08 -20.55 11.95
CA SER A 86 -5.03 -20.81 10.85
C SER A 86 -5.09 -22.28 10.35
N GLY A 87 -4.13 -23.12 10.79
CA GLY A 87 -4.13 -24.53 10.44
C GLY A 87 -2.96 -25.03 9.63
N ALA A 88 -1.94 -24.18 9.38
CA ALA A 88 -0.75 -24.61 8.64
C ALA A 88 0.11 -25.52 9.51
N ASP A 89 0.52 -26.65 8.95
CA ASP A 89 1.40 -27.61 9.60
C ASP A 89 2.84 -27.24 9.25
N TYR A 90 3.07 -26.80 7.99
CA TYR A 90 4.37 -26.29 7.53
C TYR A 90 4.21 -24.78 7.37
N ILE A 91 5.17 -24.00 7.83
CA ILE A 91 5.13 -22.55 7.67
C ILE A 91 6.38 -22.25 6.87
N LYS A 92 6.22 -21.63 5.69
CA LYS A 92 7.30 -21.39 4.76
C LYS A 92 7.60 -19.92 4.67
N VAL A 93 8.89 -19.55 4.78
CA VAL A 93 9.30 -18.16 4.71
C VAL A 93 10.18 -17.95 3.48
N GLY A 94 9.78 -17.02 2.62
CA GLY A 94 10.56 -16.68 1.42
C GLY A 94 11.61 -15.67 1.81
N LEU A 95 12.87 -16.06 1.74
CA LEU A 95 14.00 -15.21 2.17
C LEU A 95 14.38 -14.22 1.07
N TYR A 96 13.53 -13.20 0.93
CA TYR A 96 13.57 -12.23 -0.16
C TYR A 96 14.32 -10.96 0.18
N GLY A 97 13.87 -10.28 1.23
CA GLY A 97 14.44 -8.98 1.63
C GLY A 97 15.67 -9.10 2.49
N VAL A 98 15.96 -10.31 3.02
CA VAL A 98 17.16 -10.60 3.80
C VAL A 98 18.31 -10.70 2.82
N LYS A 99 19.40 -10.05 3.14
CA LYS A 99 20.53 -9.91 2.20
C LYS A 99 21.70 -10.82 2.43
N ASN A 100 21.86 -11.34 3.66
CA ASN A 100 23.00 -12.16 4.00
C ASN A 100 22.63 -13.23 5.03
N TYR A 101 23.60 -14.06 5.38
CA TYR A 101 23.47 -15.14 6.34
C TYR A 101 22.88 -14.65 7.71
N TYR A 102 23.48 -13.61 8.29
CA TYR A 102 23.11 -13.10 9.62
C TYR A 102 21.69 -12.57 9.70
N GLN A 103 21.28 -11.77 8.71
CA GLN A 103 19.90 -11.27 8.65
C GLN A 103 18.94 -12.42 8.52
N ALA A 104 19.27 -13.40 7.66
CA ALA A 104 18.38 -14.55 7.43
C ALA A 104 18.25 -15.42 8.68
N VAL A 105 19.34 -15.62 9.42
CA VAL A 105 19.34 -16.42 10.64
C VAL A 105 18.50 -15.72 11.71
N GLU A 106 18.66 -14.39 11.86
CA GLU A 106 17.94 -13.60 12.86
C GLU A 106 16.43 -13.69 12.61
N LEU A 107 16.02 -13.43 11.36
CA LEU A 107 14.59 -13.54 11.03
C LEU A 107 14.08 -14.97 11.28
N MET A 108 14.79 -15.99 10.76
CA MET A 108 14.32 -17.38 10.88
C MET A 108 14.30 -17.89 12.31
N LYS A 109 15.25 -17.44 13.18
CA LYS A 109 15.27 -17.86 14.59
C LYS A 109 13.98 -17.41 15.27
N ASN A 110 13.54 -16.17 14.98
CA ASN A 110 12.32 -15.60 15.54
C ASN A 110 11.07 -16.31 15.02
N VAL A 111 11.05 -16.66 13.74
CA VAL A 111 9.93 -17.42 13.16
C VAL A 111 9.83 -18.80 13.82
N VAL A 112 10.99 -19.48 13.96
CA VAL A 112 11.11 -20.81 14.60
C VAL A 112 10.55 -20.74 16.03
N ARG A 113 10.95 -19.71 16.81
CA ARG A 113 10.39 -19.55 18.16
C ARG A 113 8.87 -19.40 18.12
N ALA A 114 8.35 -18.47 17.28
CA ALA A 114 6.91 -18.22 17.14
C ALA A 114 6.14 -19.49 16.82
N VAL A 115 6.68 -20.33 15.91
CA VAL A 115 6.00 -21.55 15.49
C VAL A 115 6.17 -22.68 16.54
N LYS A 116 7.42 -22.95 16.98
CA LYS A 116 7.70 -24.02 17.97
C LYS A 116 7.04 -23.77 19.30
N ASP A 117 6.84 -22.48 19.67
CA ASP A 117 6.11 -22.13 20.90
C ASP A 117 4.67 -22.63 20.83
N ILE A 118 4.03 -22.53 19.66
CA ILE A 118 2.67 -23.01 19.46
C ILE A 118 2.65 -24.55 19.47
N ASP A 119 3.52 -25.18 18.66
CA ASP A 119 3.60 -26.63 18.59
C ASP A 119 4.95 -27.00 18.02
N GLU A 120 5.71 -27.79 18.77
CA GLU A 120 7.04 -28.27 18.40
C GLU A 120 7.00 -29.19 17.17
N ASN A 121 5.82 -29.78 16.89
CA ASN A 121 5.57 -30.63 15.73
C ASN A 121 5.33 -29.84 14.44
N LYS A 122 4.98 -28.52 14.55
CA LYS A 122 4.80 -27.73 13.32
C LYS A 122 6.18 -27.55 12.65
N ILE A 123 6.24 -27.53 11.31
CA ILE A 123 7.51 -27.51 10.59
C ILE A 123 7.80 -26.18 9.98
N VAL A 124 9.05 -25.69 10.19
CA VAL A 124 9.50 -24.41 9.66
C VAL A 124 10.44 -24.65 8.47
N VAL A 125 10.08 -24.04 7.37
CA VAL A 125 10.79 -24.12 6.10
C VAL A 125 11.46 -22.79 5.78
N ALA A 126 12.80 -22.82 5.59
CA ALA A 126 13.51 -21.64 5.18
C ALA A 126 13.66 -21.77 3.67
N ALA A 127 13.04 -20.87 2.91
CA ALA A 127 13.09 -20.96 1.46
C ALA A 127 13.90 -19.84 0.82
N GLY A 128 14.88 -20.22 0.03
CA GLY A 128 15.69 -19.26 -0.72
C GLY A 128 15.26 -19.33 -2.18
N TYR A 129 15.75 -18.38 -2.99
CA TYR A 129 15.37 -18.35 -4.41
C TYR A 129 16.56 -18.79 -5.25
N ALA A 130 16.34 -19.77 -6.15
CA ALA A 130 17.39 -20.29 -7.06
C ALA A 130 17.97 -19.19 -7.96
N ASP A 131 17.11 -18.20 -8.24
CA ASP A 131 17.39 -17.03 -9.07
C ASP A 131 17.43 -15.77 -8.16
N ALA A 132 17.90 -15.89 -6.91
CA ALA A 132 17.97 -14.77 -5.98
C ALA A 132 18.60 -13.52 -6.58
N TYR A 133 19.64 -13.68 -7.43
CA TYR A 133 20.37 -12.56 -8.01
C TYR A 133 19.42 -11.61 -8.81
N ARG A 134 18.31 -12.12 -9.36
CA ARG A 134 17.37 -11.34 -10.19
C ARG A 134 16.52 -10.39 -9.33
N VAL A 135 16.45 -10.65 -7.99
CA VAL A 135 15.67 -9.89 -7.03
C VAL A 135 16.45 -9.31 -5.85
N GLY A 136 17.75 -9.58 -5.78
CA GLY A 136 18.62 -9.08 -4.71
C GLY A 136 18.49 -9.88 -3.42
N ALA A 137 17.92 -11.09 -3.48
CA ALA A 137 17.70 -11.93 -2.28
C ALA A 137 18.95 -12.66 -1.83
N VAL A 138 18.91 -13.23 -0.61
CA VAL A 138 20.06 -13.93 -0.03
C VAL A 138 20.49 -15.08 -0.93
N GLU A 139 21.81 -15.28 -1.04
CA GLU A 139 22.41 -16.35 -1.83
C GLU A 139 21.76 -17.71 -1.53
N PRO A 140 21.19 -18.38 -2.55
CA PRO A 140 20.48 -19.65 -2.28
C PRO A 140 21.39 -20.77 -1.72
N LEU A 141 22.67 -20.79 -2.12
CA LEU A 141 23.57 -21.85 -1.69
C LEU A 141 23.89 -21.84 -0.19
N ILE A 142 23.61 -20.75 0.53
CA ILE A 142 23.79 -20.71 2.00
C ILE A 142 22.48 -21.05 2.76
N VAL A 143 21.40 -21.30 2.02
CA VAL A 143 20.14 -21.67 2.66
C VAL A 143 20.28 -22.87 3.67
N PRO A 144 20.98 -23.98 3.34
CA PRO A 144 21.15 -25.07 4.32
C PRO A 144 21.80 -24.62 5.63
N LYS A 145 22.82 -23.72 5.59
CA LYS A 145 23.43 -23.22 6.84
C LYS A 145 22.48 -22.29 7.62
N ILE A 146 21.70 -21.47 6.91
CA ILE A 146 20.72 -20.57 7.54
C ILE A 146 19.70 -21.44 8.29
N ALA A 147 19.20 -22.49 7.64
CA ALA A 147 18.21 -23.39 8.21
C ALA A 147 18.79 -24.14 9.40
N ARG A 148 20.05 -24.59 9.30
CA ARG A 148 20.73 -25.29 10.38
C ARG A 148 20.85 -24.37 11.60
N ASP A 149 21.38 -23.15 11.39
CA ASP A 149 21.66 -22.22 12.45
C ASP A 149 20.49 -21.51 13.09
N ALA A 150 19.36 -21.45 12.38
CA ALA A 150 18.12 -20.88 12.86
C ALA A 150 17.23 -21.95 13.53
N GLY A 151 17.58 -23.23 13.36
CA GLY A 151 16.83 -24.34 13.93
C GLY A 151 15.58 -24.66 13.12
N CYS A 152 15.66 -24.42 11.79
CA CYS A 152 14.57 -24.74 10.85
C CYS A 152 14.56 -26.23 10.61
N ASP A 153 13.50 -26.73 9.98
CA ASP A 153 13.38 -28.16 9.74
C ASP A 153 13.66 -28.53 8.31
N VAL A 154 13.40 -27.60 7.40
CA VAL A 154 13.52 -27.81 5.95
C VAL A 154 14.25 -26.63 5.29
N ALA A 155 15.16 -26.97 4.38
CA ALA A 155 15.85 -26.02 3.53
C ALA A 155 15.18 -26.15 2.16
N MET A 156 14.71 -25.04 1.58
CA MET A 156 14.03 -25.09 0.29
C MET A 156 14.56 -24.07 -0.70
N LEU A 157 14.42 -24.38 -2.01
CA LEU A 157 14.64 -23.45 -3.09
C LEU A 157 13.42 -23.41 -3.95
N ASP A 158 13.08 -22.21 -4.43
CA ASP A 158 12.03 -21.95 -5.42
C ASP A 158 12.54 -20.83 -6.34
N THR A 159 11.78 -20.49 -7.39
CA THR A 159 12.18 -19.37 -8.27
C THR A 159 11.39 -18.11 -7.84
N ALA A 160 12.04 -16.98 -7.84
CA ALA A 160 11.45 -15.69 -7.45
C ALA A 160 10.58 -15.10 -8.57
N ILE A 161 11.07 -15.12 -9.82
CA ILE A 161 10.38 -14.52 -10.95
C ILE A 161 9.76 -15.63 -11.79
N LYS A 162 8.45 -15.54 -11.99
CA LYS A 162 7.67 -16.56 -12.67
C LYS A 162 7.54 -16.24 -14.17
N ASP A 163 8.69 -16.19 -14.85
CA ASP A 163 8.77 -15.93 -16.29
C ASP A 163 8.98 -17.22 -17.11
N GLY A 164 8.75 -18.38 -16.51
CA GLY A 164 8.89 -19.67 -17.18
C GLY A 164 10.26 -20.33 -17.04
N LYS A 165 11.25 -19.59 -16.52
CA LYS A 165 12.59 -20.14 -16.28
C LYS A 165 12.51 -21.03 -15.01
N THR A 166 13.05 -22.24 -15.12
CA THR A 166 12.93 -23.25 -14.05
C THR A 166 14.09 -23.27 -13.09
N LEU A 167 13.95 -24.08 -12.02
CA LEU A 167 15.00 -24.31 -11.04
C LEU A 167 16.29 -24.71 -11.74
N PHE A 168 16.19 -25.61 -12.77
CA PHE A 168 17.32 -26.14 -13.53
C PHE A 168 18.00 -25.15 -14.49
N ASP A 169 17.31 -24.03 -14.81
CA ASP A 169 17.90 -22.96 -15.60
C ASP A 169 18.85 -22.11 -14.74
N PHE A 170 18.69 -22.15 -13.40
CA PHE A 170 19.49 -21.34 -12.44
C PHE A 170 20.47 -22.13 -11.64
N GLN A 171 20.20 -23.43 -11.45
CA GLN A 171 21.07 -24.26 -10.63
C GLN A 171 21.39 -25.57 -11.33
N SER A 172 22.66 -25.96 -11.34
CA SER A 172 23.10 -27.21 -11.97
C SER A 172 22.69 -28.41 -11.10
N LYS A 173 22.60 -29.61 -11.70
CA LYS A 173 22.26 -30.83 -10.97
C LYS A 173 23.28 -31.07 -9.84
N GLU A 174 24.58 -30.85 -10.12
CA GLU A 174 25.67 -31.05 -9.19
CA GLU A 174 25.65 -31.05 -9.16
C GLU A 174 25.51 -30.12 -7.97
N ILE A 175 25.26 -28.82 -8.21
CA ILE A 175 25.09 -27.85 -7.13
C ILE A 175 23.85 -28.20 -6.28
N LEU A 176 22.76 -28.62 -6.95
CA LEU A 176 21.54 -29.04 -6.26
C LEU A 176 21.79 -30.30 -5.43
N ALA A 177 22.57 -31.26 -5.97
CA ALA A 177 22.92 -32.50 -5.24
C ALA A 177 23.73 -32.15 -3.97
N GLU A 178 24.63 -31.15 -4.08
CA GLU A 178 25.42 -30.65 -2.96
C GLU A 178 24.54 -30.00 -1.92
N PHE A 179 23.56 -29.19 -2.36
CA PHE A 179 22.59 -28.51 -1.51
C PHE A 179 21.79 -29.56 -0.68
N VAL A 180 21.27 -30.60 -1.35
CA VAL A 180 20.50 -31.67 -0.71
C VAL A 180 21.37 -32.41 0.34
N ASP A 181 22.60 -32.82 -0.06
CA ASP A 181 23.55 -33.53 0.81
C ASP A 181 23.91 -32.69 2.05
N GLU A 182 24.17 -31.40 1.86
CA GLU A 182 24.49 -30.47 2.94
C GLU A 182 23.31 -30.35 3.91
N ALA A 183 22.07 -30.11 3.40
CA ALA A 183 20.85 -30.06 4.22
C ALA A 183 20.73 -31.36 5.05
N HIS A 184 20.87 -32.54 4.39
CA HIS A 184 20.80 -33.83 5.07
C HIS A 184 21.88 -33.98 6.13
N SER A 185 23.11 -33.48 5.85
CA SER A 185 24.21 -33.54 6.81
C SER A 185 23.92 -32.75 8.09
N TYR A 186 23.03 -31.73 8.01
CA TYR A 186 22.64 -30.90 9.16
C TYR A 186 21.34 -31.40 9.82
N GLY A 187 20.83 -32.53 9.36
CA GLY A 187 19.61 -33.15 9.88
C GLY A 187 18.34 -32.51 9.35
N LEU A 188 18.44 -31.80 8.23
CA LEU A 188 17.28 -31.13 7.62
C LEU A 188 16.73 -31.94 6.45
N LYS A 189 15.48 -31.68 6.13
CA LYS A 189 14.84 -32.19 4.92
C LYS A 189 15.02 -31.09 3.86
N CYS A 190 14.93 -31.47 2.59
CA CYS A 190 15.14 -30.53 1.48
C CYS A 190 13.96 -30.56 0.55
N ALA A 191 13.41 -29.38 0.25
CA ALA A 191 12.29 -29.19 -0.68
C ALA A 191 12.79 -28.39 -1.86
N LEU A 192 12.44 -28.80 -3.07
CA LEU A 192 12.85 -28.08 -4.27
C LEU A 192 11.65 -27.82 -5.17
N ALA A 193 11.56 -26.59 -5.70
CA ALA A 193 10.50 -26.13 -6.59
C ALA A 193 11.06 -25.04 -7.52
N GLY A 194 10.26 -24.61 -8.51
CA GLY A 194 10.70 -23.58 -9.44
C GLY A 194 10.32 -23.98 -10.85
N SER A 195 9.03 -23.85 -11.18
CA SER A 195 8.45 -24.24 -12.48
C SER A 195 8.90 -25.66 -12.87
N ILE A 196 8.81 -26.58 -11.89
CA ILE A 196 9.17 -27.98 -12.05
C ILE A 196 8.24 -28.61 -13.07
N LYS A 197 8.83 -29.40 -13.94
CA LYS A 197 8.15 -30.10 -15.00
C LYS A 197 8.30 -31.60 -14.76
N LYS A 198 7.44 -32.44 -15.37
CA LYS A 198 7.49 -33.89 -15.14
C LYS A 198 8.86 -34.49 -15.37
N GLU A 199 9.58 -33.98 -16.39
CA GLU A 199 10.93 -34.39 -16.79
C GLU A 199 11.95 -34.21 -15.68
N HIS A 200 11.74 -33.22 -14.78
CA HIS A 200 12.62 -32.87 -13.67
C HIS A 200 12.51 -33.83 -12.49
N ILE A 201 11.36 -34.52 -12.37
CA ILE A 201 11.10 -35.40 -11.24
C ILE A 201 12.13 -36.51 -11.02
N PRO A 202 12.53 -37.32 -12.04
CA PRO A 202 13.54 -38.36 -11.78
C PRO A 202 14.88 -37.79 -11.34
N ILE A 203 15.23 -36.57 -11.84
CA ILE A 203 16.49 -35.89 -11.49
C ILE A 203 16.46 -35.51 -10.00
N LEU A 204 15.37 -34.87 -9.57
CA LEU A 204 15.18 -34.49 -8.17
C LEU A 204 15.17 -35.70 -7.25
N LYS A 205 14.49 -36.79 -7.64
CA LYS A 205 14.45 -38.03 -6.86
C LYS A 205 15.88 -38.59 -6.68
N GLU A 206 16.64 -38.70 -7.80
CA GLU A 206 18.02 -39.20 -7.93
C GLU A 206 18.97 -38.55 -6.92
N ILE A 207 18.87 -37.20 -6.74
CA ILE A 207 19.75 -36.41 -5.86
C ILE A 207 19.36 -36.46 -4.37
N GLY A 208 18.26 -37.16 -4.08
CA GLY A 208 17.79 -37.37 -2.71
C GLY A 208 16.85 -36.32 -2.17
N THR A 209 16.21 -35.50 -3.05
CA THR A 209 15.27 -34.44 -2.64
C THR A 209 14.11 -35.08 -1.86
N ASP A 210 13.77 -34.50 -0.69
CA ASP A 210 12.70 -35.04 0.13
C ASP A 210 11.31 -34.65 -0.33
N ILE A 211 11.16 -33.38 -0.77
CA ILE A 211 9.88 -32.81 -1.18
C ILE A 211 10.05 -32.09 -2.50
N VAL A 212 9.11 -32.29 -3.42
CA VAL A 212 9.06 -31.56 -4.70
C VAL A 212 7.77 -30.71 -4.71
N GLY A 213 7.90 -29.44 -5.04
CA GLY A 213 6.78 -28.53 -5.13
C GLY A 213 6.37 -28.26 -6.57
N VAL A 214 5.08 -28.31 -6.86
CA VAL A 214 4.52 -28.07 -8.20
C VAL A 214 3.17 -27.35 -8.20
N ARG A 215 2.80 -26.83 -9.37
CA ARG A 215 1.44 -26.40 -9.76
C ARG A 215 1.29 -26.57 -11.26
N GLY A 216 2.08 -25.80 -12.04
CA GLY A 216 2.04 -25.86 -13.50
C GLY A 216 2.12 -27.24 -14.11
N ALA A 217 2.98 -28.12 -13.58
CA ALA A 217 3.13 -29.49 -14.08
C ALA A 217 1.85 -30.31 -13.87
N ALA A 218 1.03 -29.95 -12.88
CA ALA A 218 -0.24 -30.66 -12.62
C ALA A 218 -1.46 -30.09 -13.39
N CYS A 219 -1.22 -29.13 -14.34
CA CYS A 219 -2.24 -28.47 -15.18
C CYS A 219 -2.15 -28.92 -16.64
N GLY A 227 -5.93 -22.51 -16.93
CA GLY A 227 -5.23 -23.76 -16.66
C GLY A 227 -5.46 -24.24 -15.23
N ARG A 228 -6.07 -25.42 -15.07
CA ARG A 228 -6.38 -25.90 -13.72
C ARG A 228 -5.80 -27.24 -13.32
N ILE A 229 -5.60 -27.44 -12.00
CA ILE A 229 -5.06 -28.65 -11.38
C ILE A 229 -5.97 -29.81 -11.73
N ASP A 230 -5.41 -30.80 -12.43
CA ASP A 230 -6.10 -32.00 -12.84
C ASP A 230 -5.61 -33.12 -11.96
N ARG A 231 -6.54 -33.87 -11.35
CA ARG A 231 -6.20 -35.00 -10.49
C ARG A 231 -5.39 -36.07 -11.22
N GLU A 232 -5.67 -36.29 -12.54
CA GLU A 232 -4.99 -37.26 -13.39
C GLU A 232 -3.50 -36.90 -13.49
N LEU A 233 -3.20 -35.61 -13.67
CA LEU A 233 -1.84 -35.09 -13.77
C LEU A 233 -1.11 -35.18 -12.44
N VAL A 234 -1.83 -34.90 -11.33
CA VAL A 234 -1.27 -35.02 -9.97
C VAL A 234 -0.89 -36.49 -9.74
N LYS A 235 -1.78 -37.43 -10.14
CA LYS A 235 -1.58 -38.89 -10.05
C LYS A 235 -0.32 -39.29 -10.80
N GLU A 236 -0.13 -38.76 -12.02
CA GLU A 236 1.02 -39.02 -12.90
C GLU A 236 2.31 -38.58 -12.19
N LEU A 237 2.29 -37.36 -11.59
CA LEU A 237 3.44 -36.81 -10.87
C LEU A 237 3.76 -37.64 -9.64
N LYS A 238 2.71 -38.04 -8.89
CA LYS A 238 2.82 -38.87 -7.68
C LYS A 238 3.49 -40.22 -8.02
N GLU A 239 3.10 -40.85 -9.15
CA GLU A 239 3.68 -42.11 -9.62
C GLU A 239 5.17 -41.95 -9.91
N LEU A 240 5.56 -40.80 -10.49
CA LEU A 240 6.95 -40.48 -10.79
C LEU A 240 7.80 -40.28 -9.53
N CYS A 241 7.16 -39.88 -8.39
CA CYS A 241 7.81 -39.65 -7.10
C CYS A 241 8.00 -40.99 -6.37
N HIS B 7 -12.45 14.52 26.58
CA HIS B 7 -11.46 13.69 27.27
C HIS B 7 -10.56 12.95 26.27
N MET B 8 -9.24 13.04 26.50
CA MET B 8 -8.22 12.36 25.68
C MET B 8 -7.69 11.14 26.44
N ILE B 9 -7.59 10.01 25.74
CA ILE B 9 -7.05 8.75 26.25
C ILE B 9 -5.50 8.83 26.10
N LEU B 10 -4.74 8.39 27.13
CA LEU B 10 -3.26 8.41 27.07
C LEU B 10 -2.69 7.03 26.69
N LEU B 11 -2.01 6.96 25.55
CA LEU B 11 -1.36 5.74 25.05
C LEU B 11 0.15 5.93 25.28
N VAL B 12 0.79 4.92 25.90
CA VAL B 12 2.23 4.97 26.18
C VAL B 12 2.86 3.72 25.55
N SER B 13 4.02 3.89 24.87
CA SER B 13 4.71 2.77 24.22
C SER B 13 5.96 2.37 25.01
N PRO B 14 5.86 1.45 26.02
CA PRO B 14 7.05 1.07 26.79
C PRO B 14 8.01 0.19 26.00
N ILE B 15 9.32 0.32 26.26
CA ILE B 15 10.32 -0.49 25.55
C ILE B 15 10.44 -1.92 26.10
N ASP B 16 10.02 -2.12 27.36
CA ASP B 16 10.08 -3.44 28.01
C ASP B 16 8.96 -3.62 29.05
N VAL B 17 8.88 -4.82 29.67
CA VAL B 17 7.88 -5.15 30.69
C VAL B 17 8.00 -4.21 31.90
N GLU B 18 9.26 -3.85 32.30
CA GLU B 18 9.49 -2.95 33.43
C GLU B 18 8.92 -1.56 33.16
N GLU B 19 9.14 -1.02 31.94
CA GLU B 19 8.59 0.28 31.53
C GLU B 19 7.07 0.20 31.48
N ALA B 20 6.50 -0.96 31.09
CA ALA B 20 5.04 -1.13 31.03
C ALA B 20 4.43 -0.95 32.42
N LYS B 21 5.05 -1.57 33.45
CA LYS B 21 4.63 -1.46 34.85
C LYS B 21 4.64 0.01 35.30
N GLU B 22 5.69 0.75 34.90
CA GLU B 22 5.79 2.17 35.21
C GLU B 22 4.65 2.97 34.57
N ALA B 23 4.36 2.73 33.27
CA ALA B 23 3.30 3.38 32.49
C ALA B 23 1.92 3.09 33.13
N ILE B 24 1.72 1.82 33.54
CA ILE B 24 0.49 1.37 34.22
C ILE B 24 0.33 2.14 35.53
N ALA B 25 1.39 2.14 36.37
CA ALA B 25 1.37 2.82 37.68
C ALA B 25 1.07 4.32 37.58
N GLY B 26 1.54 4.95 36.51
CA GLY B 26 1.37 6.37 36.21
C GLY B 26 0.01 6.76 35.69
N GLY B 27 -0.79 5.78 35.29
CA GLY B 27 -2.15 6.05 34.80
C GLY B 27 -2.37 5.97 33.30
N ALA B 28 -1.44 5.35 32.53
CA ALA B 28 -1.61 5.16 31.08
C ALA B 28 -2.86 4.30 30.84
N ASP B 29 -3.64 4.64 29.80
CA ASP B 29 -4.90 3.96 29.44
C ASP B 29 -4.64 2.80 28.46
N ILE B 30 -3.72 2.99 27.52
CA ILE B 30 -3.36 1.97 26.54
C ILE B 30 -1.86 1.73 26.64
N ILE B 31 -1.46 0.45 26.73
CA ILE B 31 -0.04 0.07 26.77
C ILE B 31 0.26 -0.44 25.36
N ASP B 32 1.06 0.32 24.61
CA ASP B 32 1.35 0.02 23.21
C ASP B 32 2.65 -0.74 23.02
N VAL B 33 2.60 -1.83 22.26
CA VAL B 33 3.75 -2.70 22.03
C VAL B 33 4.27 -2.52 20.60
N LYS B 34 5.42 -1.87 20.47
CA LYS B 34 6.03 -1.70 19.16
C LYS B 34 7.54 -2.00 19.27
N ASN B 35 8.23 -2.01 18.13
CA ASN B 35 9.63 -2.34 18.05
C ASN B 35 10.37 -1.31 17.19
N PRO B 36 10.86 -0.20 17.80
CA PRO B 36 11.49 0.88 17.00
C PRO B 36 12.61 0.45 16.05
N LYS B 37 13.31 -0.67 16.35
CA LYS B 37 14.41 -1.20 15.52
C LYS B 37 13.91 -1.57 14.10
N GLU B 38 12.61 -1.94 13.97
CA GLU B 38 12.01 -2.32 12.69
C GLU B 38 11.23 -1.21 12.02
N GLY B 39 11.28 -0.01 12.59
CA GLY B 39 10.62 1.16 12.03
C GLY B 39 9.76 1.89 13.03
N SER B 40 9.13 3.01 12.59
CA SER B 40 8.27 3.86 13.43
C SER B 40 7.21 3.01 14.16
N LEU B 41 6.53 2.16 13.39
CA LEU B 41 5.51 1.26 13.90
C LEU B 41 5.96 -0.19 13.72
N GLY B 42 7.27 -0.41 13.88
CA GLY B 42 7.87 -1.74 13.78
C GLY B 42 7.19 -2.75 14.69
N ALA B 43 7.04 -3.98 14.22
CA ALA B 43 6.37 -5.00 15.02
C ALA B 43 7.27 -5.68 16.06
N ASN B 44 6.77 -5.83 17.28
CA ASN B 44 7.48 -6.60 18.28
C ASN B 44 7.07 -8.08 18.06
N PHE B 45 7.57 -8.97 18.92
CA PHE B 45 7.35 -10.40 18.83
C PHE B 45 6.13 -10.90 19.55
N PRO B 46 5.57 -12.06 19.13
CA PRO B 46 4.36 -12.55 19.82
C PRO B 46 4.54 -12.75 21.32
N TRP B 47 5.73 -13.23 21.75
CA TRP B 47 6.05 -13.44 23.17
C TRP B 47 6.07 -12.15 23.96
N MET B 48 6.45 -11.01 23.32
CA MET B 48 6.47 -9.72 24.01
C MET B 48 5.06 -9.18 24.16
N ILE B 49 4.24 -9.25 23.10
CA ILE B 49 2.85 -8.82 23.21
C ILE B 49 2.14 -9.60 24.32
N LYS B 50 2.35 -10.95 24.37
CA LYS B 50 1.75 -11.83 25.36
C LYS B 50 2.19 -11.42 26.77
N ALA B 51 3.51 -11.16 26.96
CA ALA B 51 4.07 -10.77 28.26
C ALA B 51 3.46 -9.46 28.73
N ILE B 52 3.27 -8.49 27.79
CA ILE B 52 2.69 -7.19 28.10
C ILE B 52 1.22 -7.35 28.45
N ARG B 53 0.48 -8.20 27.72
CA ARG B 53 -0.94 -8.39 28.07
C ARG B 53 -1.08 -9.07 29.43
N GLU B 54 -0.10 -9.91 29.77
CA GLU B 54 -0.11 -10.63 31.03
C GLU B 54 0.12 -9.68 32.23
N VAL B 55 1.02 -8.68 32.07
CA VAL B 55 1.35 -7.70 33.12
C VAL B 55 0.32 -6.54 33.22
N THR B 56 -0.39 -6.27 32.14
CA THR B 56 -1.38 -5.20 32.09
C THR B 56 -2.69 -5.56 32.77
N PRO B 57 -3.14 -4.74 33.77
CA PRO B 57 -4.45 -5.00 34.41
C PRO B 57 -5.59 -5.10 33.40
N LYS B 58 -6.60 -5.94 33.74
CA LYS B 58 -7.77 -6.23 32.93
C LYS B 58 -8.49 -4.98 32.41
N ASP B 59 -8.54 -3.93 33.22
CA ASP B 59 -9.27 -2.71 32.91
C ASP B 59 -8.56 -1.80 31.91
N LEU B 60 -7.32 -2.16 31.50
CA LEU B 60 -6.56 -1.41 30.53
C LEU B 60 -6.41 -2.21 29.24
N LEU B 61 -6.23 -1.49 28.13
CA LEU B 61 -6.12 -2.14 26.84
C LEU B 61 -4.67 -2.22 26.40
N VAL B 62 -4.34 -3.23 25.58
CA VAL B 62 -3.01 -3.41 25.01
C VAL B 62 -3.14 -3.15 23.50
N SER B 63 -2.20 -2.38 22.95
CA SER B 63 -2.12 -2.10 21.52
C SER B 63 -0.84 -2.74 21.02
N ALA B 64 -0.83 -3.22 19.77
CA ALA B 64 0.39 -3.75 19.16
C ALA B 64 0.43 -3.41 17.70
N THR B 65 1.63 -3.07 17.22
CA THR B 65 1.80 -2.76 15.81
C THR B 65 2.17 -4.01 15.04
N VAL B 66 1.84 -4.05 13.75
CA VAL B 66 2.23 -5.14 12.88
C VAL B 66 3.35 -4.73 11.93
N GLY B 67 3.77 -3.47 12.01
CA GLY B 67 4.90 -2.96 11.23
C GLY B 67 4.64 -1.73 10.39
N ASP B 68 5.73 -1.18 9.81
CA ASP B 68 5.69 -0.13 8.77
C ASP B 68 5.56 -1.07 7.55
N VAL B 69 4.34 -1.43 7.25
CA VAL B 69 4.06 -2.50 6.33
C VAL B 69 4.26 -2.23 4.85
N PRO B 70 4.76 -3.25 4.11
CA PRO B 70 4.76 -3.16 2.65
C PRO B 70 3.33 -3.50 2.20
N TYR B 71 3.06 -3.31 0.90
CA TYR B 71 1.75 -3.65 0.36
C TYR B 71 1.67 -5.17 0.11
N LYS B 72 1.46 -5.91 1.21
CA LYS B 72 1.36 -7.38 1.19
CA LYS B 72 1.35 -7.38 1.17
C LYS B 72 0.15 -7.77 2.02
N PRO B 73 -1.06 -7.65 1.47
CA PRO B 73 -2.26 -7.97 2.27
C PRO B 73 -2.26 -9.29 3.02
N GLY B 74 -1.87 -10.38 2.35
CA GLY B 74 -1.81 -11.70 2.98
C GLY B 74 -0.88 -11.73 4.17
N THR B 75 0.37 -11.26 3.97
CA THR B 75 1.32 -11.25 5.07
C THR B 75 0.82 -10.46 6.25
N ILE B 76 0.30 -9.26 5.99
CA ILE B 76 -0.14 -8.35 7.06
C ILE B 76 -1.41 -8.85 7.75
N SER B 77 -2.28 -9.54 7.01
CA SER B 77 -3.50 -10.13 7.58
C SER B 77 -3.09 -11.24 8.56
N LEU B 78 -2.09 -12.06 8.16
CA LEU B 78 -1.55 -13.12 9.05
C LEU B 78 -0.87 -12.50 10.26
N ALA B 79 -0.11 -11.40 10.07
CA ALA B 79 0.57 -10.70 11.17
C ALA B 79 -0.41 -10.14 12.18
N ALA B 80 -1.56 -9.58 11.67
CA ALA B 80 -2.64 -9.04 12.51
C ALA B 80 -3.25 -10.16 13.34
N VAL B 81 -3.38 -11.39 12.75
CA VAL B 81 -3.85 -12.58 13.48
C VAL B 81 -2.84 -12.90 14.60
N GLY B 82 -1.55 -12.91 14.26
CA GLY B 82 -0.52 -13.14 15.27
C GLY B 82 -0.59 -12.19 16.45
N ALA B 83 -0.79 -10.87 16.16
CA ALA B 83 -0.87 -9.85 17.20
C ALA B 83 -2.14 -10.04 18.05
N ALA B 84 -3.27 -10.28 17.40
CA ALA B 84 -4.54 -10.48 18.09
C ALA B 84 -4.48 -11.70 19.03
N ILE B 85 -3.99 -12.85 18.52
CA ILE B 85 -3.86 -14.13 19.25
C ILE B 85 -2.94 -13.94 20.47
N SER B 86 -1.91 -13.11 20.29
CA SER B 86 -0.92 -12.80 21.33
C SER B 86 -1.44 -11.92 22.46
N GLY B 87 -2.61 -11.31 22.30
CA GLY B 87 -3.21 -10.53 23.36
C GLY B 87 -3.45 -9.06 23.07
N ALA B 88 -3.15 -8.61 21.82
CA ALA B 88 -3.39 -7.22 21.46
C ALA B 88 -4.89 -6.97 21.35
N ASP B 89 -5.37 -5.88 21.97
CA ASP B 89 -6.77 -5.46 21.87
C ASP B 89 -6.88 -4.53 20.68
N TYR B 90 -5.85 -3.66 20.47
CA TYR B 90 -5.79 -2.74 19.32
C TYR B 90 -4.71 -3.30 18.42
N ILE B 91 -5.02 -3.48 17.15
CA ILE B 91 -4.03 -3.94 16.17
C ILE B 91 -3.78 -2.76 15.26
N LYS B 92 -2.52 -2.30 15.17
CA LYS B 92 -2.13 -1.09 14.45
C LYS B 92 -1.29 -1.41 13.24
N VAL B 93 -1.69 -0.85 12.09
CA VAL B 93 -0.98 -1.07 10.82
C VAL B 93 -0.33 0.24 10.35
N GLY B 94 0.97 0.24 10.15
CA GLY B 94 1.68 1.41 9.64
C GLY B 94 1.59 1.38 8.12
N LEU B 95 0.88 2.34 7.53
CA LEU B 95 0.65 2.38 6.08
C LEU B 95 1.85 2.99 5.37
N TYR B 96 2.91 2.17 5.26
CA TYR B 96 4.21 2.59 4.79
C TYR B 96 4.46 2.33 3.31
N GLY B 97 4.33 1.07 2.91
CA GLY B 97 4.60 0.64 1.55
C GLY B 97 3.43 0.79 0.60
N VAL B 98 2.21 1.07 1.14
CA VAL B 98 1.00 1.34 0.37
C VAL B 98 1.14 2.76 -0.13
N LYS B 99 0.86 2.96 -1.41
CA LYS B 99 1.10 4.23 -2.09
C LYS B 99 -0.07 5.13 -2.28
N ASN B 100 -1.30 4.56 -2.28
CA ASN B 100 -2.49 5.33 -2.54
C ASN B 100 -3.68 4.79 -1.75
N TYR B 101 -4.82 5.46 -1.90
CA TYR B 101 -6.08 5.10 -1.26
C TYR B 101 -6.47 3.62 -1.48
N TYR B 102 -6.50 3.16 -2.74
CA TYR B 102 -6.94 1.81 -3.12
C TYR B 102 -6.10 0.71 -2.54
N GLN B 103 -4.76 0.83 -2.63
CA GLN B 103 -3.86 -0.14 -2.03
C GLN B 103 -4.06 -0.20 -0.51
N ALA B 104 -4.19 0.97 0.12
CA ALA B 104 -4.35 1.04 1.58
C ALA B 104 -5.69 0.44 2.02
N VAL B 105 -6.76 0.68 1.26
CA VAL B 105 -8.10 0.13 1.59
C VAL B 105 -8.08 -1.39 1.44
N GLU B 106 -7.43 -1.91 0.37
CA GLU B 106 -7.35 -3.35 0.11
C GLU B 106 -6.64 -4.06 1.25
N LEU B 107 -5.45 -3.56 1.62
CA LEU B 107 -4.72 -4.14 2.73
C LEU B 107 -5.55 -4.07 4.03
N MET B 108 -6.06 -2.86 4.38
CA MET B 108 -6.80 -2.68 5.64
C MET B 108 -8.08 -3.50 5.73
N LYS B 109 -8.80 -3.69 4.60
CA LYS B 109 -10.04 -4.49 4.59
C LYS B 109 -9.73 -5.92 5.02
N ASN B 110 -8.63 -6.48 4.50
CA ASN B 110 -8.18 -7.84 4.80
C ASN B 110 -7.72 -7.97 6.25
N VAL B 111 -7.04 -6.93 6.79
CA VAL B 111 -6.60 -6.93 8.19
C VAL B 111 -7.84 -6.93 9.10
N VAL B 112 -8.81 -6.06 8.79
CA VAL B 112 -10.09 -5.92 9.51
C VAL B 112 -10.80 -7.28 9.55
N ARG B 113 -10.91 -7.97 8.39
CA ARG B 113 -11.56 -9.30 8.37
C ARG B 113 -10.81 -10.28 9.28
N ALA B 114 -9.47 -10.33 9.16
CA ALA B 114 -8.59 -11.21 9.91
C ALA B 114 -8.75 -11.06 11.42
N VAL B 115 -8.75 -9.80 11.90
CA VAL B 115 -8.86 -9.46 13.33
C VAL B 115 -10.24 -9.76 13.86
N LYS B 116 -11.27 -9.29 13.15
CA LYS B 116 -12.65 -9.52 13.58
C LYS B 116 -12.98 -11.02 13.65
N ASP B 117 -12.32 -11.84 12.78
CA ASP B 117 -12.50 -13.30 12.76
C ASP B 117 -11.89 -13.92 14.00
N ILE B 118 -10.94 -13.22 14.63
CA ILE B 118 -10.33 -13.69 15.87
C ILE B 118 -11.21 -13.25 17.02
N ASP B 119 -11.67 -11.97 17.00
CA ASP B 119 -12.52 -11.43 18.07
C ASP B 119 -13.14 -10.15 17.55
N GLU B 120 -14.49 -10.11 17.49
CA GLU B 120 -15.22 -8.93 17.02
C GLU B 120 -14.98 -7.68 17.89
N ASN B 121 -14.53 -7.86 19.14
CA ASN B 121 -14.32 -6.76 20.10
C ASN B 121 -12.95 -6.11 19.91
N LYS B 122 -12.05 -6.74 19.13
CA LYS B 122 -10.72 -6.17 18.90
C LYS B 122 -10.82 -4.98 17.96
N ILE B 123 -9.88 -4.03 18.09
CA ILE B 123 -9.94 -2.75 17.39
C ILE B 123 -8.82 -2.69 16.36
N VAL B 124 -9.13 -2.18 15.16
CA VAL B 124 -8.13 -2.08 14.12
C VAL B 124 -7.79 -0.60 13.91
N VAL B 125 -6.51 -0.29 13.89
CA VAL B 125 -6.02 1.07 13.72
C VAL B 125 -5.29 1.22 12.38
N ALA B 126 -5.78 2.15 11.50
CA ALA B 126 -5.04 2.47 10.27
C ALA B 126 -4.18 3.68 10.60
N ALA B 127 -2.86 3.51 10.54
CA ALA B 127 -1.96 4.60 10.87
C ALA B 127 -1.18 5.05 9.66
N GLY B 128 -1.26 6.36 9.39
CA GLY B 128 -0.48 6.99 8.33
C GLY B 128 0.63 7.79 8.96
N TYR B 129 1.56 8.27 8.15
CA TYR B 129 2.69 9.05 8.65
C TYR B 129 2.53 10.52 8.29
N ALA B 130 2.63 11.41 9.30
CA ALA B 130 2.51 12.88 9.12
C ALA B 130 3.58 13.41 8.14
N ASP B 131 4.74 12.72 8.12
CA ASP B 131 5.89 13.01 7.28
C ASP B 131 6.01 11.93 6.19
N ALA B 132 4.88 11.39 5.68
CA ALA B 132 4.92 10.34 4.65
C ALA B 132 5.83 10.65 3.47
N TYR B 133 5.91 11.94 3.04
CA TYR B 133 6.71 12.32 1.87
C TYR B 133 8.20 11.92 2.05
N ARG B 134 8.69 11.85 3.32
CA ARG B 134 10.09 11.52 3.61
C ARG B 134 10.39 10.04 3.35
N VAL B 135 9.34 9.19 3.29
CA VAL B 135 9.48 7.75 3.11
C VAL B 135 8.71 7.16 1.91
N GLY B 136 7.98 8.00 1.17
CA GLY B 136 7.15 7.59 0.04
C GLY B 136 5.85 6.91 0.44
N ALA B 137 5.41 7.11 1.69
CA ALA B 137 4.19 6.47 2.18
C ALA B 137 2.92 7.17 1.73
N VAL B 138 1.76 6.49 1.90
CA VAL B 138 0.47 7.03 1.50
C VAL B 138 0.22 8.37 2.17
N GLU B 139 -0.37 9.30 1.43
CA GLU B 139 -0.72 10.64 1.90
C GLU B 139 -1.48 10.57 3.24
N PRO B 140 -0.94 11.18 4.31
CA PRO B 140 -1.63 11.10 5.62
C PRO B 140 -3.04 11.66 5.64
N LEU B 141 -3.29 12.73 4.87
CA LEU B 141 -4.61 13.38 4.87
C LEU B 141 -5.75 12.50 4.36
N ILE B 142 -5.44 11.37 3.67
CA ILE B 142 -6.52 10.45 3.24
C ILE B 142 -6.75 9.26 4.21
N VAL B 143 -5.99 9.19 5.31
CA VAL B 143 -6.14 8.08 6.28
C VAL B 143 -7.59 8.01 6.82
N PRO B 144 -8.30 9.13 7.14
CA PRO B 144 -9.69 8.99 7.60
C PRO B 144 -10.59 8.27 6.59
N LYS B 145 -10.46 8.56 5.27
CA LYS B 145 -11.26 7.86 4.27
C LYS B 145 -10.84 6.37 4.14
N ILE B 146 -9.53 6.08 4.25
CA ILE B 146 -9.03 4.70 4.18
C ILE B 146 -9.64 3.92 5.34
N ALA B 147 -9.60 4.49 6.56
CA ALA B 147 -10.15 3.85 7.75
C ALA B 147 -11.67 3.65 7.63
N ARG B 148 -12.38 4.65 7.08
CA ARG B 148 -13.83 4.57 6.88
C ARG B 148 -14.15 3.44 5.91
N ASP B 149 -13.48 3.44 4.75
CA ASP B 149 -13.78 2.48 3.68
C ASP B 149 -13.30 1.07 3.87
N ALA B 150 -12.33 0.87 4.75
CA ALA B 150 -11.82 -0.44 5.12
C ALA B 150 -12.55 -1.01 6.34
N GLY B 151 -13.34 -0.18 7.02
CA GLY B 151 -14.10 -0.61 8.20
C GLY B 151 -13.25 -0.66 9.46
N CYS B 152 -12.19 0.21 9.52
CA CYS B 152 -11.31 0.35 10.67
C CYS B 152 -12.04 1.10 11.76
N ASP B 153 -11.49 1.13 12.98
CA ASP B 153 -12.13 1.80 14.10
C ASP B 153 -11.46 3.12 14.47
N VAL B 154 -10.17 3.23 14.15
CA VAL B 154 -9.36 4.39 14.53
C VAL B 154 -8.51 4.81 13.32
N ALA B 155 -8.45 6.14 13.06
CA ALA B 155 -7.57 6.77 12.05
C ALA B 155 -6.43 7.38 12.87
N MET B 156 -5.18 7.08 12.53
CA MET B 156 -4.05 7.58 13.30
C MET B 156 -2.97 8.20 12.43
N LEU B 157 -2.20 9.13 13.01
CA LEU B 157 -0.99 9.68 12.43
C LEU B 157 0.12 9.55 13.42
N ASP B 158 1.31 9.24 12.92
CA ASP B 158 2.56 9.19 13.66
C ASP B 158 3.65 9.71 12.73
N THR B 159 4.87 9.82 13.21
CA THR B 159 5.99 10.24 12.36
C THR B 159 6.77 8.98 11.95
N ALA B 160 7.22 8.93 10.70
CA ALA B 160 7.97 7.81 10.15
C ALA B 160 9.44 7.83 10.59
N ILE B 161 10.09 9.00 10.49
CA ILE B 161 11.50 9.16 10.83
C ILE B 161 11.62 9.81 12.18
N LYS B 162 12.34 9.13 13.10
CA LYS B 162 12.49 9.55 14.49
C LYS B 162 13.75 10.38 14.67
N ASP B 163 13.79 11.53 14.00
CA ASP B 163 14.91 12.47 14.05
C ASP B 163 14.63 13.68 14.96
N GLY B 164 13.58 13.58 15.77
CA GLY B 164 13.20 14.65 16.70
C GLY B 164 12.17 15.62 16.15
N LYS B 165 11.84 15.52 14.85
CA LYS B 165 10.84 16.38 14.24
C LYS B 165 9.46 15.85 14.64
N THR B 166 8.59 16.74 15.15
CA THR B 166 7.30 16.33 15.69
C THR B 166 6.16 16.33 14.68
N LEU B 167 4.98 15.82 15.15
CA LEU B 167 3.76 15.83 14.36
C LEU B 167 3.46 17.26 13.84
N PHE B 168 3.64 18.26 14.73
CA PHE B 168 3.41 19.69 14.46
C PHE B 168 4.41 20.36 13.51
N ASP B 169 5.57 19.71 13.27
CA ASP B 169 6.54 20.19 12.30
C ASP B 169 6.12 19.82 10.87
N PHE B 170 5.23 18.82 10.73
CA PHE B 170 4.78 18.30 9.43
C PHE B 170 3.37 18.62 9.10
N GLN B 171 2.55 18.87 10.12
CA GLN B 171 1.14 19.16 9.90
C GLN B 171 0.69 20.38 10.71
N SER B 172 -0.03 21.29 10.05
CA SER B 172 -0.55 22.49 10.72
C SER B 172 -1.70 22.10 11.66
N LYS B 173 -1.96 22.94 12.68
CA LYS B 173 -3.05 22.70 13.63
C LYS B 173 -4.39 22.61 12.89
N GLU B 174 -4.59 23.49 11.91
CA GLU B 174 -5.80 23.57 11.10
CA GLU B 174 -5.82 23.54 11.11
C GLU B 174 -6.02 22.25 10.32
N ILE B 175 -4.97 21.76 9.63
CA ILE B 175 -5.07 20.52 8.87
C ILE B 175 -5.35 19.32 9.80
N LEU B 176 -4.70 19.30 10.98
CA LEU B 176 -4.93 18.26 11.99
C LEU B 176 -6.35 18.33 12.54
N ALA B 177 -6.87 19.55 12.77
CA ALA B 177 -8.26 19.75 13.25
C ALA B 177 -9.25 19.21 12.21
N GLU B 178 -8.94 19.42 10.91
CA GLU B 178 -9.75 18.91 9.79
C GLU B 178 -9.71 17.39 9.76
N PHE B 179 -8.53 16.80 9.98
CA PHE B 179 -8.30 15.34 10.03
C PHE B 179 -9.19 14.73 11.12
N VAL B 180 -9.13 15.29 12.34
CA VAL B 180 -9.90 14.82 13.50
C VAL B 180 -11.41 14.90 13.22
N ASP B 181 -11.89 16.08 12.72
CA ASP B 181 -13.30 16.31 12.38
C ASP B 181 -13.81 15.31 11.34
N GLU B 182 -13.01 15.08 10.28
CA GLU B 182 -13.33 14.14 9.22
C GLU B 182 -13.45 12.70 9.79
N ALA B 183 -12.45 12.24 10.58
CA ALA B 183 -12.48 10.91 11.22
C ALA B 183 -13.78 10.78 12.06
N HIS B 184 -14.08 11.80 12.90
CA HIS B 184 -15.29 11.81 13.72
C HIS B 184 -16.56 11.76 12.87
N SER B 185 -16.59 12.49 11.74
CA SER B 185 -17.74 12.48 10.83
C SER B 185 -18.04 11.09 10.24
N TYR B 186 -17.02 10.21 10.17
CA TYR B 186 -17.14 8.83 9.67
C TYR B 186 -17.37 7.81 10.80
N GLY B 187 -17.55 8.30 12.02
CA GLY B 187 -17.77 7.47 13.20
C GLY B 187 -16.50 6.85 13.76
N LEU B 188 -15.33 7.37 13.36
CA LEU B 188 -14.04 6.85 13.83
C LEU B 188 -13.51 7.66 15.01
N LYS B 189 -12.60 7.02 15.75
CA LYS B 189 -11.83 7.68 16.79
C LYS B 189 -10.52 8.09 16.07
N CYS B 190 -9.83 9.09 16.62
CA CYS B 190 -8.59 9.60 16.05
C CYS B 190 -7.47 9.56 17.07
N ALA B 191 -6.35 8.94 16.71
CA ALA B 191 -5.15 8.85 17.54
C ALA B 191 -4.04 9.66 16.88
N LEU B 192 -3.31 10.44 17.66
CA LEU B 192 -2.21 11.25 17.14
C LEU B 192 -0.96 11.06 17.96
N ALA B 193 0.17 10.91 17.26
CA ALA B 193 1.50 10.72 17.86
C ALA B 193 2.55 11.30 16.91
N GLY B 194 3.80 11.34 17.36
CA GLY B 194 4.90 11.85 16.54
C GLY B 194 5.74 12.80 17.36
N SER B 195 6.57 12.22 18.23
CA SER B 195 7.44 12.93 19.17
C SER B 195 6.66 14.00 19.93
N ILE B 196 5.51 13.60 20.47
CA ILE B 196 4.62 14.49 21.23
C ILE B 196 5.31 14.90 22.53
N LYS B 197 5.18 16.18 22.91
CA LYS B 197 5.74 16.71 24.16
C LYS B 197 4.56 17.15 25.01
N LYS B 198 4.79 17.42 26.31
CA LYS B 198 3.72 17.86 27.22
C LYS B 198 2.99 19.11 26.70
N GLU B 199 3.73 20.03 26.05
CA GLU B 199 3.26 21.30 25.46
C GLU B 199 2.21 21.09 24.38
N HIS B 200 2.29 19.94 23.68
CA HIS B 200 1.38 19.59 22.58
C HIS B 200 0.03 19.07 23.07
N ILE B 201 -0.03 18.54 24.30
CA ILE B 201 -1.23 17.95 24.86
C ILE B 201 -2.47 18.85 24.85
N PRO B 202 -2.43 20.12 25.35
CA PRO B 202 -3.63 20.97 25.28
C PRO B 202 -4.09 21.25 23.84
N ILE B 203 -3.14 21.33 22.89
CA ILE B 203 -3.44 21.58 21.45
C ILE B 203 -4.21 20.38 20.89
N LEU B 204 -3.71 19.16 21.15
CA LEU B 204 -4.34 17.92 20.72
C LEU B 204 -5.72 17.76 21.34
N LYS B 205 -5.85 18.05 22.67
CA LYS B 205 -7.14 17.97 23.35
C LYS B 205 -8.14 18.95 22.68
N GLU B 206 -7.69 20.19 22.40
CA GLU B 206 -8.52 21.25 21.82
C GLU B 206 -9.15 20.86 20.48
N ILE B 207 -8.39 20.20 19.61
CA ILE B 207 -8.84 19.79 18.27
C ILE B 207 -9.76 18.55 18.30
N GLY B 208 -9.95 17.96 19.49
CA GLY B 208 -10.83 16.83 19.69
C GLY B 208 -10.20 15.46 19.53
N THR B 209 -8.85 15.36 19.57
CA THR B 209 -8.11 14.09 19.47
C THR B 209 -8.59 13.10 20.55
N ASP B 210 -8.89 11.86 20.16
CA ASP B 210 -9.38 10.86 21.12
C ASP B 210 -8.29 10.17 21.90
N ILE B 211 -7.15 9.90 21.23
CA ILE B 211 -6.02 9.19 21.81
C ILE B 211 -4.74 9.92 21.47
N VAL B 212 -3.85 10.10 22.47
CA VAL B 212 -2.53 10.67 22.26
C VAL B 212 -1.48 9.58 22.58
N GLY B 213 -0.51 9.41 21.67
CA GLY B 213 0.56 8.44 21.86
C GLY B 213 1.85 9.12 22.27
N VAL B 214 2.52 8.60 23.32
CA VAL B 214 3.78 9.15 23.83
C VAL B 214 4.75 8.03 24.29
N ARG B 215 6.00 8.44 24.51
CA ARG B 215 7.04 7.70 25.20
C ARG B 215 7.99 8.74 25.78
N GLY B 216 8.65 9.51 24.90
CA GLY B 216 9.61 10.56 25.28
C GLY B 216 9.09 11.54 26.31
N ALA B 217 7.82 11.99 26.15
CA ALA B 217 7.13 12.91 27.08
C ALA B 217 6.99 12.33 28.49
N ALA B 218 7.04 10.99 28.62
CA ALA B 218 6.93 10.24 29.87
C ALA B 218 8.31 9.86 30.46
N CYS B 219 9.43 10.20 29.76
CA CYS B 219 10.80 9.89 30.19
C CYS B 219 11.45 11.09 30.87
N GLY B 227 16.96 8.00 29.05
CA GLY B 227 15.80 8.23 29.90
C GLY B 227 14.74 7.16 29.80
N ARG B 228 14.25 6.70 30.95
CA ARG B 228 13.23 5.66 31.03
C ARG B 228 11.90 6.24 31.50
N ILE B 229 10.80 5.52 31.23
CA ILE B 229 9.47 5.96 31.65
C ILE B 229 9.44 6.15 33.17
N ASP B 230 8.92 7.30 33.59
CA ASP B 230 8.77 7.69 34.99
C ASP B 230 7.29 7.82 35.24
N ARG B 231 6.76 7.04 36.20
CA ARG B 231 5.33 7.04 36.56
C ARG B 231 4.81 8.45 36.91
N GLU B 232 5.65 9.29 37.58
CA GLU B 232 5.34 10.67 37.96
C GLU B 232 5.04 11.50 36.68
N LEU B 233 5.87 11.34 35.64
CA LEU B 233 5.67 12.07 34.38
C LEU B 233 4.43 11.55 33.63
N VAL B 234 4.18 10.21 33.66
CA VAL B 234 2.98 9.61 33.04
C VAL B 234 1.75 10.22 33.74
N LYS B 235 1.78 10.32 35.09
CA LYS B 235 0.72 10.92 35.91
C LYS B 235 0.45 12.35 35.48
N GLU B 236 1.54 13.14 35.28
CA GLU B 236 1.49 14.54 34.83
C GLU B 236 0.80 14.64 33.46
N LEU B 237 1.17 13.74 32.52
CA LEU B 237 0.59 13.70 31.18
C LEU B 237 -0.89 13.33 31.24
N LYS B 238 -1.24 12.33 32.08
CA LYS B 238 -2.61 11.86 32.29
C LYS B 238 -3.50 13.02 32.80
N GLU B 239 -2.97 13.85 33.77
CA GLU B 239 -3.69 15.02 34.31
C GLU B 239 -3.97 16.04 33.21
N LEU B 240 -3.00 16.24 32.29
CA LEU B 240 -3.11 17.15 31.14
C LEU B 240 -4.18 16.68 30.13
N CYS B 241 -4.44 15.36 30.08
CA CYS B 241 -5.44 14.75 29.19
C CYS B 241 -6.83 14.89 29.80
N HIS C 7 -25.34 21.18 -15.65
CA HIS C 7 -24.71 21.33 -16.96
C HIS C 7 -23.20 21.15 -16.88
N MET C 8 -22.65 20.33 -17.79
CA MET C 8 -21.23 20.06 -17.90
C MET C 8 -20.66 20.80 -19.08
N ILE C 9 -19.51 21.46 -18.88
CA ILE C 9 -18.75 22.18 -19.91
C ILE C 9 -17.85 21.12 -20.61
N LEU C 10 -17.74 21.19 -21.95
CA LEU C 10 -16.90 20.27 -22.72
C LEU C 10 -15.54 20.90 -23.08
N LEU C 11 -14.46 20.31 -22.57
CA LEU C 11 -13.07 20.73 -22.83
C LEU C 11 -12.49 19.72 -23.81
N VAL C 12 -11.86 20.22 -24.89
CA VAL C 12 -11.24 19.36 -25.90
C VAL C 12 -9.80 19.80 -26.07
N SER C 13 -8.85 18.84 -26.15
CA SER C 13 -7.42 19.14 -26.31
C SER C 13 -6.94 18.84 -27.73
N PRO C 14 -7.05 19.79 -28.68
CA PRO C 14 -6.63 19.50 -30.07
C PRO C 14 -5.10 19.44 -30.23
N ILE C 15 -4.61 18.61 -31.17
CA ILE C 15 -3.18 18.48 -31.42
C ILE C 15 -2.61 19.60 -32.29
N ASP C 16 -3.50 20.27 -33.07
CA ASP C 16 -3.11 21.37 -33.95
C ASP C 16 -4.26 22.38 -34.14
N VAL C 17 -3.99 23.46 -34.90
CA VAL C 17 -4.97 24.53 -35.20
C VAL C 17 -6.18 23.95 -35.97
N GLU C 18 -5.96 22.99 -36.90
CA GLU C 18 -7.04 22.38 -37.66
C GLU C 18 -7.98 21.59 -36.75
N GLU C 19 -7.41 20.81 -35.80
CA GLU C 19 -8.21 20.06 -34.83
C GLU C 19 -8.98 21.03 -33.93
N ALA C 20 -8.39 22.20 -33.60
CA ALA C 20 -9.05 23.21 -32.76
C ALA C 20 -10.32 23.71 -33.45
N LYS C 21 -10.25 24.00 -34.76
CA LYS C 21 -11.39 24.43 -35.58
C LYS C 21 -12.50 23.40 -35.56
N GLU C 22 -12.17 22.07 -35.61
CA GLU C 22 -13.16 20.98 -35.57
C GLU C 22 -13.85 20.97 -34.21
N ALA C 23 -13.06 21.12 -33.15
CA ALA C 23 -13.53 21.12 -31.78
C ALA C 23 -14.50 22.29 -31.59
N ILE C 24 -14.12 23.48 -32.07
CA ILE C 24 -14.93 24.69 -32.02
C ILE C 24 -16.26 24.49 -32.79
N ALA C 25 -16.16 24.00 -34.04
CA ALA C 25 -17.33 23.76 -34.90
C ALA C 25 -18.33 22.76 -34.30
N GLY C 26 -17.79 21.77 -33.60
CA GLY C 26 -18.55 20.73 -32.94
C GLY C 26 -19.22 21.14 -31.64
N GLY C 27 -18.86 22.30 -31.11
CA GLY C 27 -19.48 22.81 -29.90
C GLY C 27 -18.66 22.74 -28.62
N ALA C 28 -17.32 22.54 -28.70
CA ALA C 28 -16.44 22.54 -27.52
C ALA C 28 -16.47 23.93 -26.84
N ASP C 29 -16.47 23.95 -25.51
CA ASP C 29 -16.55 25.17 -24.70
C ASP C 29 -15.16 25.71 -24.32
N ILE C 30 -14.21 24.81 -24.07
CA ILE C 30 -12.82 25.16 -23.75
C ILE C 30 -11.91 24.44 -24.73
N ILE C 31 -10.96 25.18 -25.32
CA ILE C 31 -9.96 24.63 -26.24
C ILE C 31 -8.68 24.56 -25.45
N ASP C 32 -8.24 23.34 -25.13
CA ASP C 32 -7.08 23.12 -24.29
C ASP C 32 -5.80 22.88 -25.06
N VAL C 33 -4.73 23.61 -24.70
CA VAL C 33 -3.44 23.54 -25.38
C VAL C 33 -2.42 22.81 -24.52
N LYS C 34 -2.09 21.57 -24.90
CA LYS C 34 -1.07 20.80 -24.18
C LYS C 34 -0.11 20.15 -25.18
N ASN C 35 0.95 19.50 -24.67
CA ASN C 35 1.99 18.88 -25.50
C ASN C 35 2.29 17.49 -24.96
N PRO C 36 1.56 16.45 -25.46
CA PRO C 36 1.75 15.07 -24.95
C PRO C 36 3.18 14.55 -24.93
N LYS C 37 4.07 15.05 -25.84
CA LYS C 37 5.48 14.65 -25.92
C LYS C 37 6.23 14.92 -24.59
N GLU C 38 5.81 15.97 -23.86
CA GLU C 38 6.42 16.39 -22.59
C GLU C 38 5.73 15.85 -21.35
N GLY C 39 4.71 15.03 -21.54
CA GLY C 39 3.98 14.42 -20.44
C GLY C 39 2.49 14.56 -20.59
N SER C 40 1.72 14.01 -19.64
CA SER C 40 0.25 14.06 -19.62
C SER C 40 -0.26 15.48 -19.80
N LEU C 41 0.30 16.42 -19.00
CA LEU C 41 -0.03 17.82 -19.05
C LEU C 41 1.19 18.63 -19.48
N GLY C 42 1.96 18.05 -20.41
CA GLY C 42 3.15 18.68 -20.97
C GLY C 42 2.82 20.04 -21.56
N ALA C 43 3.73 21.01 -21.39
CA ALA C 43 3.47 22.36 -21.92
C ALA C 43 3.80 22.49 -23.40
N ASN C 44 2.90 23.15 -24.15
CA ASN C 44 3.18 23.49 -25.54
C ASN C 44 3.95 24.82 -25.52
N PHE C 45 4.25 25.36 -26.70
CA PHE C 45 5.03 26.58 -26.87
C PHE C 45 4.21 27.86 -26.88
N PRO C 46 4.83 29.01 -26.51
CA PRO C 46 4.06 30.27 -26.50
C PRO C 46 3.36 30.58 -27.82
N TRP C 47 4.05 30.30 -28.94
CA TRP C 47 3.50 30.56 -30.28
C TRP C 47 2.27 29.70 -30.60
N MET C 48 2.21 28.47 -30.04
CA MET C 48 1.06 27.60 -30.26
C MET C 48 -0.14 28.08 -29.46
N ILE C 49 0.09 28.46 -28.16
CA ILE C 49 -1.00 28.96 -27.33
C ILE C 49 -1.60 30.22 -28.01
N LYS C 50 -0.73 31.12 -28.47
CA LYS C 50 -1.13 32.34 -29.17
C LYS C 50 -1.96 32.03 -30.44
N ALA C 51 -1.53 31.04 -31.26
CA ALA C 51 -2.24 30.66 -32.49
C ALA C 51 -3.61 30.10 -32.18
N ILE C 52 -3.70 29.30 -31.09
CA ILE C 52 -4.98 28.72 -30.66
C ILE C 52 -5.92 29.81 -30.12
N ARG C 53 -5.40 30.72 -29.27
CA ARG C 53 -6.24 31.83 -28.77
C ARG C 53 -6.83 32.67 -29.92
N GLU C 54 -6.04 32.84 -31.00
CA GLU C 54 -6.45 33.60 -32.18
C GLU C 54 -7.56 32.92 -32.98
N VAL C 55 -7.43 31.61 -33.20
CA VAL C 55 -8.42 30.85 -33.99
C VAL C 55 -9.73 30.61 -33.20
N THR C 56 -9.65 30.66 -31.87
CA THR C 56 -10.79 30.41 -31.00
C THR C 56 -11.71 31.66 -30.90
N PRO C 57 -13.03 31.52 -31.18
CA PRO C 57 -13.94 32.67 -31.00
C PRO C 57 -13.82 33.26 -29.58
N LYS C 58 -13.91 34.59 -29.48
CA LYS C 58 -13.73 35.33 -28.24
C LYS C 58 -14.68 34.92 -27.11
N ASP C 59 -15.87 34.35 -27.46
CA ASP C 59 -16.83 33.88 -26.45
C ASP C 59 -16.47 32.52 -25.82
N LEU C 60 -15.39 31.87 -26.32
CA LEU C 60 -14.89 30.59 -25.79
C LEU C 60 -13.57 30.81 -25.10
N LEU C 61 -13.26 29.93 -24.14
CA LEU C 61 -12.03 30.07 -23.37
C LEU C 61 -10.94 29.14 -23.87
N VAL C 62 -9.70 29.57 -23.72
CA VAL C 62 -8.51 28.79 -24.06
C VAL C 62 -7.83 28.38 -22.74
N SER C 63 -7.47 27.11 -22.64
CA SER C 63 -6.75 26.56 -21.50
C SER C 63 -5.35 26.16 -21.99
N ALA C 64 -4.34 26.25 -21.13
CA ALA C 64 -2.98 25.83 -21.49
C ALA C 64 -2.31 25.26 -20.27
N THR C 65 -1.58 24.17 -20.47
CA THR C 65 -0.85 23.55 -19.38
C THR C 65 0.55 24.14 -19.30
N VAL C 66 1.13 24.14 -18.09
CA VAL C 66 2.51 24.57 -17.89
C VAL C 66 3.45 23.37 -17.66
N GLY C 67 2.89 22.16 -17.68
CA GLY C 67 3.66 20.92 -17.57
C GLY C 67 3.25 19.98 -16.47
N ASP C 68 3.89 18.79 -16.47
CA ASP C 68 3.84 17.79 -15.40
C ASP C 68 5.03 18.33 -14.59
N VAL C 69 4.74 19.32 -13.76
CA VAL C 69 5.76 20.12 -13.12
C VAL C 69 6.58 19.47 -12.02
N PRO C 70 7.91 19.79 -11.98
CA PRO C 70 8.70 19.42 -10.79
C PRO C 70 8.40 20.47 -9.71
N TYR C 71 8.90 20.23 -8.49
CA TYR C 71 8.70 21.17 -7.39
C TYR C 71 9.69 22.33 -7.52
N LYS C 72 9.39 23.26 -8.47
CA LYS C 72 10.23 24.43 -8.76
CA LYS C 72 10.23 24.44 -8.73
C LYS C 72 9.33 25.65 -8.84
N PRO C 73 8.87 26.18 -7.68
CA PRO C 73 7.94 27.31 -7.72
C PRO C 73 8.30 28.48 -8.64
N GLY C 74 9.56 28.93 -8.61
CA GLY C 74 10.01 30.04 -9.45
C GLY C 74 9.87 29.73 -10.93
N THR C 75 10.38 28.56 -11.36
CA THR C 75 10.27 28.18 -12.79
C THR C 75 8.82 28.14 -13.24
N ILE C 76 7.99 27.49 -12.44
CA ILE C 76 6.58 27.30 -12.77
C ILE C 76 5.78 28.62 -12.75
N SER C 77 6.14 29.54 -11.82
CA SER C 77 5.48 30.85 -11.75
C SER C 77 5.81 31.63 -13.03
N LEU C 78 7.07 31.57 -13.48
CA LEU C 78 7.48 32.22 -14.74
C LEU C 78 6.76 31.59 -15.93
N ALA C 79 6.65 30.25 -15.95
CA ALA C 79 5.96 29.51 -17.02
C ALA C 79 4.48 29.90 -17.10
N ALA C 80 3.82 30.06 -15.92
CA ALA C 80 2.42 30.49 -15.82
C ALA C 80 2.25 31.89 -16.40
N VAL C 81 3.25 32.79 -16.19
CA VAL C 81 3.28 34.13 -16.80
C VAL C 81 3.35 33.95 -18.33
N GLY C 82 4.27 33.13 -18.81
CA GLY C 82 4.40 32.85 -20.24
C GLY C 82 3.11 32.37 -20.88
N ALA C 83 2.38 31.46 -20.20
CA ALA C 83 1.12 30.90 -20.72
C ALA C 83 0.04 31.97 -20.74
N ALA C 84 -0.08 32.74 -19.64
CA ALA C 84 -1.05 33.82 -19.53
C ALA C 84 -0.84 34.90 -20.60
N ILE C 85 0.41 35.38 -20.77
CA ILE C 85 0.82 36.40 -21.74
C ILE C 85 0.51 35.94 -23.17
N SER C 86 0.69 34.63 -23.42
CA SER C 86 0.44 33.97 -24.71
C SER C 86 -1.05 33.83 -25.08
N GLY C 87 -1.95 34.10 -24.15
CA GLY C 87 -3.38 34.06 -24.44
C GLY C 87 -4.22 33.03 -23.68
N ALA C 88 -3.59 32.25 -22.78
CA ALA C 88 -4.35 31.27 -21.99
C ALA C 88 -5.24 31.97 -20.99
N ASP C 89 -6.51 31.54 -20.93
CA ASP C 89 -7.49 32.03 -19.98
C ASP C 89 -7.41 31.16 -18.74
N TYR C 90 -7.25 29.83 -18.93
CA TYR C 90 -7.06 28.85 -17.86
C TYR C 90 -5.57 28.47 -17.91
N ILE C 91 -4.86 28.54 -16.75
CA ILE C 91 -3.45 28.13 -16.65
C ILE C 91 -3.46 26.85 -15.77
N LYS C 92 -3.15 25.72 -16.37
CA LYS C 92 -3.22 24.42 -15.72
C LYS C 92 -1.86 23.94 -15.28
N VAL C 93 -1.74 23.52 -14.00
CA VAL C 93 -0.48 23.01 -13.47
C VAL C 93 -0.66 21.53 -13.16
N GLY C 94 0.18 20.68 -13.75
CA GLY C 94 0.18 19.25 -13.46
C GLY C 94 1.04 19.00 -12.24
N LEU C 95 0.42 18.57 -11.13
CA LEU C 95 1.10 18.40 -9.85
C LEU C 95 1.82 17.06 -9.82
N TYR C 96 2.95 17.01 -10.52
CA TYR C 96 3.71 15.79 -10.78
C TYR C 96 4.87 15.56 -9.84
N GLY C 97 5.78 16.52 -9.76
CA GLY C 97 6.98 16.43 -8.92
C GLY C 97 6.77 16.83 -7.47
N VAL C 98 5.62 17.47 -7.16
CA VAL C 98 5.24 17.85 -5.80
C VAL C 98 4.75 16.56 -5.12
N LYS C 99 5.23 16.33 -3.91
CA LYS C 99 4.98 15.07 -3.22
C LYS C 99 3.91 15.05 -2.18
N ASN C 100 3.58 16.23 -1.64
CA ASN C 100 2.61 16.31 -0.56
C ASN C 100 1.80 17.61 -0.64
N TYR C 101 0.84 17.76 0.29
CA TYR C 101 -0.01 18.93 0.40
C TYR C 101 0.77 20.26 0.45
N TYR C 102 1.75 20.38 1.36
CA TYR C 102 2.53 21.60 1.59
C TYR C 102 3.32 22.08 0.38
N GLN C 103 4.05 21.15 -0.26
CA GLN C 103 4.82 21.47 -1.47
C GLN C 103 3.86 21.94 -2.57
N ALA C 104 2.73 21.25 -2.71
CA ALA C 104 1.75 21.59 -3.75
C ALA C 104 1.11 22.95 -3.50
N VAL C 105 0.79 23.28 -2.24
CA VAL C 105 0.19 24.57 -1.89
C VAL C 105 1.21 25.70 -2.14
N GLU C 106 2.48 25.50 -1.76
CA GLU C 106 3.54 26.49 -1.97
C GLU C 106 3.73 26.81 -3.45
N LEU C 107 3.87 25.78 -4.27
CA LEU C 107 4.01 25.99 -5.71
C LEU C 107 2.76 26.71 -6.27
N MET C 108 1.54 26.19 -5.96
CA MET C 108 0.30 26.76 -6.50
C MET C 108 0.04 28.19 -6.05
N LYS C 109 0.39 28.56 -4.81
CA LYS C 109 0.20 29.92 -4.30
C LYS C 109 1.01 30.91 -5.14
N ASN C 110 2.26 30.52 -5.50
CA ASN C 110 3.13 31.34 -6.34
C ASN C 110 2.62 31.48 -7.76
N VAL C 111 2.08 30.38 -8.32
CA VAL C 111 1.49 30.41 -9.68
C VAL C 111 0.28 31.35 -9.68
N VAL C 112 -0.59 31.24 -8.64
CA VAL C 112 -1.79 32.08 -8.48
C VAL C 112 -1.38 33.55 -8.43
N ARG C 113 -0.37 33.90 -7.61
CA ARG C 113 0.11 35.28 -7.56
C ARG C 113 0.61 35.77 -8.93
N ALA C 114 1.47 34.95 -9.59
CA ALA C 114 2.03 35.26 -10.92
C ALA C 114 0.95 35.56 -11.98
N VAL C 115 -0.07 34.70 -12.05
CA VAL C 115 -1.20 34.83 -12.98
C VAL C 115 -2.07 36.06 -12.64
N LYS C 116 -2.45 36.24 -11.36
CA LYS C 116 -3.30 37.34 -10.90
C LYS C 116 -2.68 38.69 -11.18
N ASP C 117 -1.34 38.80 -11.09
CA ASP C 117 -0.56 40.00 -11.40
C ASP C 117 -0.62 40.35 -12.90
N ILE C 118 -0.95 39.37 -13.77
CA ILE C 118 -1.14 39.61 -15.22
C ILE C 118 -2.61 39.99 -15.46
N ASP C 119 -3.53 39.14 -14.97
CA ASP C 119 -4.94 39.39 -15.18
C ASP C 119 -5.74 38.67 -14.11
N GLU C 120 -6.52 39.44 -13.37
CA GLU C 120 -7.33 38.95 -12.25
C GLU C 120 -8.39 37.94 -12.71
N ASN C 121 -8.83 38.08 -13.95
CA ASN C 121 -9.87 37.25 -14.55
C ASN C 121 -9.39 35.90 -15.04
N LYS C 122 -8.06 35.71 -15.15
CA LYS C 122 -7.51 34.44 -15.60
C LYS C 122 -7.70 33.39 -14.49
N ILE C 123 -7.91 32.16 -14.88
CA ILE C 123 -8.27 31.04 -14.01
C ILE C 123 -7.09 30.07 -13.81
N VAL C 124 -6.85 29.64 -12.56
CA VAL C 124 -5.76 28.73 -12.24
C VAL C 124 -6.29 27.36 -11.90
N VAL C 125 -5.81 26.35 -12.65
CA VAL C 125 -6.24 24.98 -12.43
C VAL C 125 -5.13 24.18 -11.72
N ALA C 126 -5.45 23.59 -10.55
CA ALA C 126 -4.52 22.70 -9.87
C ALA C 126 -4.92 21.27 -10.32
N ALA C 127 -4.12 20.62 -11.16
CA ALA C 127 -4.45 19.29 -11.66
C ALA C 127 -3.58 18.19 -11.02
N GLY C 128 -4.24 17.19 -10.49
CA GLY C 128 -3.58 16.03 -9.92
C GLY C 128 -3.81 14.85 -10.84
N TYR C 129 -3.10 13.73 -10.59
CA TYR C 129 -3.23 12.54 -11.45
C TYR C 129 -3.99 11.46 -10.72
N ALA C 130 -5.06 10.92 -11.36
CA ALA C 130 -5.88 9.83 -10.79
C ALA C 130 -5.06 8.58 -10.51
N ASP C 131 -3.99 8.37 -11.30
CA ASP C 131 -3.02 7.29 -11.21
C ASP C 131 -1.68 7.81 -10.68
N ALA C 132 -1.71 8.80 -9.75
CA ALA C 132 -0.47 9.40 -9.21
C ALA C 132 0.56 8.36 -8.73
N TYR C 133 0.08 7.25 -8.15
CA TYR C 133 0.96 6.22 -7.60
C TYR C 133 1.94 5.65 -8.64
N ARG C 134 1.54 5.64 -9.93
CA ARG C 134 2.36 5.11 -11.04
C ARG C 134 3.57 6.00 -11.35
N VAL C 135 3.52 7.27 -10.94
CA VAL C 135 4.54 8.27 -11.23
C VAL C 135 5.13 8.98 -9.98
N GLY C 136 4.65 8.62 -8.79
CA GLY C 136 5.10 9.22 -7.54
C GLY C 136 4.56 10.61 -7.27
N ALA C 137 3.46 11.00 -7.97
CA ALA C 137 2.89 12.34 -7.82
C ALA C 137 2.03 12.49 -6.57
N VAL C 138 1.71 13.73 -6.21
CA VAL C 138 0.90 14.02 -5.01
C VAL C 138 -0.44 13.27 -5.09
N GLU C 139 -0.91 12.75 -3.95
CA GLU C 139 -2.18 12.06 -3.82
C GLU C 139 -3.32 12.85 -4.47
N PRO C 140 -4.03 12.26 -5.46
CA PRO C 140 -5.09 13.02 -6.14
C PRO C 140 -6.25 13.49 -5.23
N LEU C 141 -6.58 12.68 -4.21
CA LEU C 141 -7.70 12.99 -3.33
C LEU C 141 -7.52 14.24 -2.49
N ILE C 142 -6.27 14.78 -2.38
CA ILE C 142 -6.07 16.04 -1.63
C ILE C 142 -6.05 17.27 -2.55
N VAL C 143 -6.21 17.07 -3.88
CA VAL C 143 -6.23 18.21 -4.82
C VAL C 143 -7.30 19.27 -4.46
N PRO C 144 -8.54 18.92 -4.05
CA PRO C 144 -9.49 19.98 -3.67
C PRO C 144 -8.97 20.88 -2.53
N LYS C 145 -8.31 20.30 -1.48
CA LYS C 145 -7.73 21.10 -0.40
C LYS C 145 -6.53 21.95 -0.87
N ILE C 146 -5.69 21.40 -1.78
CA ILE C 146 -4.55 22.13 -2.34
C ILE C 146 -5.10 23.37 -3.08
N ALA C 147 -6.12 23.15 -3.93
CA ALA C 147 -6.72 24.23 -4.72
C ALA C 147 -7.38 25.27 -3.83
N ARG C 148 -8.07 24.82 -2.76
CA ARG C 148 -8.71 25.72 -1.79
C ARG C 148 -7.63 26.60 -1.11
N ASP C 149 -6.60 25.96 -0.58
CA ASP C 149 -5.59 26.64 0.22
C ASP C 149 -4.58 27.49 -0.53
N ALA C 150 -4.43 27.23 -1.84
CA ALA C 150 -3.56 27.99 -2.72
C ALA C 150 -4.30 29.14 -3.42
N GLY C 151 -5.63 29.12 -3.33
CA GLY C 151 -6.47 30.15 -3.94
C GLY C 151 -6.66 29.93 -5.43
N CYS C 152 -6.66 28.63 -5.85
CA CYS C 152 -6.89 28.23 -7.22
C CYS C 152 -8.40 28.32 -7.48
N ASP C 153 -8.80 28.29 -8.75
CA ASP C 153 -10.19 28.37 -9.14
C ASP C 153 -10.78 27.00 -9.46
N VAL C 154 -9.93 26.04 -9.93
CA VAL C 154 -10.39 24.72 -10.38
C VAL C 154 -9.56 23.56 -9.82
N ALA C 155 -10.23 22.48 -9.39
CA ALA C 155 -9.56 21.25 -8.92
C ALA C 155 -9.77 20.24 -10.04
N MET C 156 -8.69 19.68 -10.57
CA MET C 156 -8.80 18.74 -11.70
C MET C 156 -8.05 17.45 -11.45
N LEU C 157 -8.51 16.37 -12.11
CA LEU C 157 -7.83 15.10 -12.19
C LEU C 157 -7.72 14.72 -13.64
N ASP C 158 -6.57 14.16 -14.01
CA ASP C 158 -6.28 13.56 -15.30
C ASP C 158 -5.44 12.30 -15.05
N THR C 159 -5.12 11.55 -16.11
CA THR C 159 -4.25 10.38 -15.95
C THR C 159 -2.83 10.78 -16.37
N ALA C 160 -1.83 10.29 -15.65
CA ALA C 160 -0.42 10.57 -15.92
C ALA C 160 0.11 9.75 -17.10
N ILE C 161 -0.16 8.42 -17.09
CA ILE C 161 0.32 7.51 -18.11
C ILE C 161 -0.80 7.21 -19.09
N LYS C 162 -0.53 7.44 -20.39
CA LYS C 162 -1.50 7.30 -21.46
C LYS C 162 -1.43 5.92 -22.09
N ASP C 163 -1.69 4.89 -21.28
CA ASP C 163 -1.64 3.50 -21.71
C ASP C 163 -3.03 2.89 -22.00
N GLY C 164 -4.03 3.76 -22.08
CA GLY C 164 -5.41 3.34 -22.33
C GLY C 164 -6.24 3.14 -21.08
N LYS C 165 -5.60 3.17 -19.89
CA LYS C 165 -6.33 3.03 -18.63
C LYS C 165 -6.99 4.38 -18.30
N THR C 166 -8.29 4.35 -18.00
CA THR C 166 -9.08 5.57 -17.81
C THR C 166 -9.15 6.06 -16.37
N LEU C 167 -9.74 7.25 -16.20
CA LEU C 167 -10.00 7.84 -14.90
C LEU C 167 -10.74 6.84 -14.00
N PHE C 168 -11.76 6.14 -14.57
CA PHE C 168 -12.58 5.16 -13.88
C PHE C 168 -11.89 3.84 -13.50
N ASP C 169 -10.73 3.55 -14.11
CA ASP C 169 -9.90 2.40 -13.78
C ASP C 169 -9.09 2.68 -12.50
N PHE C 170 -8.90 3.97 -12.15
CA PHE C 170 -8.10 4.40 -10.99
C PHE C 170 -8.90 4.96 -9.85
N GLN C 171 -10.09 5.48 -10.15
CA GLN C 171 -10.93 6.08 -9.13
C GLN C 171 -12.36 5.59 -9.21
N SER C 172 -12.94 5.22 -8.06
CA SER C 172 -14.35 4.75 -8.03
C SER C 172 -15.30 5.92 -8.22
N LYS C 173 -16.54 5.64 -8.65
CA LYS C 173 -17.56 6.69 -8.86
C LYS C 173 -17.84 7.41 -7.54
N GLU C 174 -17.89 6.66 -6.43
CA GLU C 174 -18.13 7.23 -5.10
C GLU C 174 -17.03 8.19 -4.70
N ILE C 175 -15.76 7.78 -4.84
CA ILE C 175 -14.63 8.64 -4.50
C ILE C 175 -14.62 9.90 -5.37
N LEU C 176 -14.93 9.75 -6.69
CA LEU C 176 -15.00 10.89 -7.60
C LEU C 176 -16.16 11.83 -7.23
N ALA C 177 -17.30 11.27 -6.81
CA ALA C 177 -18.47 12.07 -6.37
C ALA C 177 -18.10 12.88 -5.11
N GLU C 178 -17.30 12.26 -4.22
CA GLU C 178 -16.80 12.92 -2.99
C GLU C 178 -15.84 14.04 -3.34
N PHE C 179 -14.96 13.81 -4.34
CA PHE C 179 -13.98 14.79 -4.84
C PHE C 179 -14.74 16.02 -5.38
N VAL C 180 -15.74 15.80 -6.24
CA VAL C 180 -16.56 16.87 -6.83
C VAL C 180 -17.28 17.69 -5.73
N ASP C 181 -17.96 17.00 -4.79
CA ASP C 181 -18.69 17.62 -3.68
C ASP C 181 -17.77 18.48 -2.81
N GLU C 182 -16.57 17.94 -2.49
CA GLU C 182 -15.55 18.63 -1.70
C GLU C 182 -15.07 19.91 -2.42
N ALA C 183 -14.70 19.80 -3.72
CA ALA C 183 -14.30 20.97 -4.53
C ALA C 183 -15.42 22.04 -4.51
N HIS C 184 -16.67 21.63 -4.74
CA HIS C 184 -17.81 22.54 -4.71
C HIS C 184 -18.00 23.19 -3.34
N SER C 185 -17.78 22.42 -2.25
CA SER C 185 -17.90 22.93 -0.88
C SER C 185 -16.88 24.05 -0.60
N TYR C 186 -15.74 24.07 -1.33
CA TYR C 186 -14.69 25.08 -1.18
C TYR C 186 -14.85 26.24 -2.19
N GLY C 187 -15.95 26.23 -2.93
CA GLY C 187 -16.25 27.24 -3.96
C GLY C 187 -15.47 27.07 -5.24
N LEU C 188 -14.94 25.86 -5.48
CA LEU C 188 -14.19 25.56 -6.69
C LEU C 188 -15.06 24.86 -7.72
N LYS C 189 -14.59 24.90 -8.96
CA LYS C 189 -15.14 24.13 -10.06
C LYS C 189 -14.28 22.86 -10.13
N CYS C 190 -14.82 21.79 -10.69
CA CYS C 190 -14.13 20.53 -10.82
C CYS C 190 -14.08 20.07 -12.26
N ALA C 191 -12.87 19.77 -12.76
CA ALA C 191 -12.65 19.26 -14.10
C ALA C 191 -12.13 17.83 -13.98
N LEU C 192 -12.65 16.94 -14.79
CA LEU C 192 -12.21 15.54 -14.80
C LEU C 192 -11.88 15.10 -16.21
N ALA C 193 -10.75 14.40 -16.34
CA ALA C 193 -10.26 13.84 -17.61
C ALA C 193 -9.47 12.56 -17.31
N GLY C 194 -9.05 11.86 -18.35
CA GLY C 194 -8.27 10.63 -18.22
C GLY C 194 -8.82 9.56 -19.10
N SER C 195 -8.52 9.65 -20.41
CA SER C 195 -8.99 8.73 -21.45
C SER C 195 -10.50 8.53 -21.34
N ILE C 196 -11.24 9.64 -21.21
CA ILE C 196 -12.70 9.64 -21.08
C ILE C 196 -13.32 9.15 -22.39
N LYS C 197 -14.34 8.31 -22.29
CA LYS C 197 -15.06 7.74 -23.43
C LYS C 197 -16.48 8.30 -23.34
N LYS C 198 -17.27 8.24 -24.46
CA LYS C 198 -18.64 8.76 -24.48
C LYS C 198 -19.50 8.16 -23.35
N GLU C 199 -19.27 6.87 -23.02
CA GLU C 199 -19.95 6.10 -21.97
C GLU C 199 -19.78 6.72 -20.57
N HIS C 200 -18.65 7.39 -20.35
CA HIS C 200 -18.32 8.03 -19.07
C HIS C 200 -19.04 9.35 -18.84
N ILE C 201 -19.46 10.02 -19.92
CA ILE C 201 -20.10 11.33 -19.84
C ILE C 201 -21.34 11.41 -18.94
N PRO C 202 -22.36 10.52 -19.05
CA PRO C 202 -23.51 10.61 -18.13
C PRO C 202 -23.11 10.41 -16.67
N ILE C 203 -22.09 9.58 -16.40
CA ILE C 203 -21.58 9.30 -15.03
C ILE C 203 -20.98 10.59 -14.46
N LEU C 204 -20.12 11.25 -15.25
CA LEU C 204 -19.48 12.50 -14.84
C LEU C 204 -20.52 13.60 -14.63
N LYS C 205 -21.54 13.70 -15.52
CA LYS C 205 -22.60 14.69 -15.37
C LYS C 205 -23.37 14.45 -14.04
N GLU C 206 -23.72 13.17 -13.78
CA GLU C 206 -24.47 12.75 -12.60
C GLU C 206 -23.83 13.17 -11.28
N ILE C 207 -22.50 13.04 -11.18
CA ILE C 207 -21.75 13.38 -9.97
C ILE C 207 -21.52 14.89 -9.77
N GLY C 208 -21.96 15.69 -10.75
CA GLY C 208 -21.86 17.13 -10.68
C GLY C 208 -20.59 17.76 -11.25
N THR C 209 -19.82 17.01 -12.05
CA THR C 209 -18.57 17.50 -12.69
C THR C 209 -18.85 18.77 -13.50
N ASP C 210 -18.05 19.82 -13.33
CA ASP C 210 -18.26 21.07 -14.06
C ASP C 210 -17.70 21.04 -15.45
N ILE C 211 -16.52 20.43 -15.62
CA ILE C 211 -15.81 20.37 -16.90
C ILE C 211 -15.34 18.95 -17.16
N VAL C 212 -15.56 18.45 -18.39
CA VAL C 212 -15.04 17.16 -18.81
C VAL C 212 -14.01 17.39 -19.92
N GLY C 213 -12.84 16.78 -19.79
CA GLY C 213 -11.76 16.88 -20.77
C GLY C 213 -11.67 15.65 -21.66
N VAL C 214 -11.58 15.85 -22.99
CA VAL C 214 -11.49 14.75 -23.96
C VAL C 214 -10.54 15.06 -25.11
N ARG C 215 -10.18 14.00 -25.86
CA ARG C 215 -9.57 14.03 -27.18
C ARG C 215 -9.97 12.76 -27.94
N GLY C 216 -9.52 11.60 -27.45
CA GLY C 216 -9.78 10.30 -28.06
C GLY C 216 -11.25 10.00 -28.29
N ALA C 217 -12.12 10.40 -27.32
CA ALA C 217 -13.58 10.23 -27.42
C ALA C 217 -14.20 11.04 -28.58
N ALA C 218 -13.45 12.02 -29.12
CA ALA C 218 -13.84 12.91 -30.23
C ALA C 218 -13.21 12.49 -31.57
N CYS C 219 -12.48 11.35 -31.58
CA CYS C 219 -11.84 10.78 -32.78
C CYS C 219 -12.53 9.46 -33.12
N GLY C 227 -6.43 8.50 -35.68
CA GLY C 227 -7.69 9.22 -35.78
C GLY C 227 -7.61 10.66 -35.32
N ARG C 228 -8.29 11.54 -36.05
CA ARG C 228 -8.33 12.97 -35.78
C ARG C 228 -9.70 13.42 -35.25
N ILE C 229 -9.72 14.56 -34.53
CA ILE C 229 -10.94 15.15 -33.98
C ILE C 229 -11.94 15.43 -35.10
N ASP C 230 -13.19 14.98 -34.89
CA ASP C 230 -14.28 15.14 -35.83
C ASP C 230 -15.35 15.99 -35.15
N ARG C 231 -15.83 17.04 -35.84
CA ARG C 231 -16.87 17.94 -35.32
C ARG C 231 -18.18 17.21 -34.97
N GLU C 232 -18.54 16.17 -35.75
CA GLU C 232 -19.76 15.36 -35.56
C GLU C 232 -19.68 14.66 -34.20
N LEU C 233 -18.51 14.10 -33.89
CA LEU C 233 -18.23 13.40 -32.64
C LEU C 233 -18.21 14.37 -31.46
N VAL C 234 -17.64 15.57 -31.65
CA VAL C 234 -17.63 16.64 -30.62
C VAL C 234 -19.09 17.04 -30.33
N LYS C 235 -19.92 17.21 -31.39
CA LYS C 235 -21.35 17.53 -31.29
C LYS C 235 -22.08 16.49 -30.47
N GLU C 236 -21.80 15.20 -30.72
CA GLU C 236 -22.38 14.06 -29.99
C GLU C 236 -22.03 14.15 -28.51
N LEU C 237 -20.76 14.46 -28.19
CA LEU C 237 -20.27 14.58 -26.80
C LEU C 237 -20.92 15.78 -26.12
N LYS C 238 -21.02 16.92 -26.85
CA LYS C 238 -21.66 18.14 -26.36
C LYS C 238 -23.13 17.90 -25.99
N GLU C 239 -23.88 17.11 -26.83
CA GLU C 239 -25.27 16.77 -26.58
C GLU C 239 -25.40 15.94 -25.29
N LEU C 240 -24.43 15.04 -25.05
CA LEU C 240 -24.37 14.20 -23.84
C LEU C 240 -24.10 15.03 -22.58
N CYS C 241 -23.44 16.21 -22.73
CA CYS C 241 -23.14 17.16 -21.64
C CYS C 241 -24.34 18.04 -21.31
C1 GOL D . 9.01 8.94 21.01
O1 GOL D . 9.22 10.34 21.25
C2 GOL D . 7.86 8.69 20.05
O2 GOL D . 6.66 9.27 20.57
C3 GOL D . 8.14 9.29 18.69
O3 GOL D . 6.93 9.45 17.96
#